data_9IZH
#
_entry.id   9IZH
#
_cell.length_a   1.00
_cell.length_b   1.00
_cell.length_c   1.00
_cell.angle_alpha   90.00
_cell.angle_beta   90.00
_cell.angle_gamma   90.00
#
_symmetry.space_group_name_H-M   'P 1'
#
loop_
_entity.id
_entity.type
_entity.pdbx_description
1 polymer 'Soluble cytochrome b562,Lysophosphatidic acid receptor 1,LgBiT tag'
2 polymer 'G protein subunit 13 (Gi2-mini-G13 chimera)'
3 polymer 'Guanine nucleotide-binding protein G(I)/G(S)/G(T) subunit beta-1'
4 polymer 'Guanine nucleotide-binding protein G(I)/G(S)/G(O) subunit gamma-2'
5 polymer scFv16
6 non-polymer '(2R)-2-hydroxy-3-(phosphonooxy)propyl (9E)-octadec-9-enoate'
#
loop_
_entity_poly.entity_id
_entity_poly.type
_entity_poly.pdbx_seq_one_letter_code
_entity_poly.pdbx_strand_id
1 'polypeptide(L)'
;MKTIIALSYIFCLVFADYKDDDDKADLEDNWETLNDNLKVIEKADNAAQVKDALTKMRAAALDAQKATPPKLEDKSPDSP
EMKDFRHGFDILVGQIDDALKLANEGKVKEAQAAAEQLKTTRNAYIQKYLAAISTSIPVISQPQFTAMNEPQCFYNESIA
FFYNRSGKHLATEWNTVSKLVMGLGITVCIFIMLANLLVMVAIYVNRRFHFPIYYLMANLAAADFFAGLAYFYLMFNTGP
NTRRLTVSTWLLRQGLIDTSLTASVANLLAIAIERHITVFRMQLHTRMSNRRVVVVIVVIWTMAIVMGAIPSVGWNCICD
IENCSNMAPLYSDSYLVFWAIFNLVTFVVMVVLYAHIFGYVRQRTMRMSRHSSGPRRNRDTMMSLLKTVVIVLGAFIICW
TPGLVLLLLDVCCPQCDVLAYEKFFLLLAEFNSAMNPIIYSYRDKEMSATFRQILCCQRSENPTGPTEGSDRSASSLNHT
ILAGVHSNDHSVVVFTLEDFVGDWEQTAAYNLDQVLEQGGVSSLLQNLAVSVTPIQRIVRSGENALKIDIHVIIPYEGLS
ADQMAQIEEVFKVVYPVDDHHFKVILPYGTLVIDGVTPNMLNYFGRPYEGIAVFDGKKITVTGTLWNGNKIIDERLITPD
GSMLFRVTINS
;
R
2 'polypeptide(L)'
;STVSAEDKAAAERSKEIDKCLSREKTYVKRLVKILLLGADNSGKSTFLKQMRIIHGGSGGSGGTKGIHEYDFEIKNVPFK
MVDVGGQRSERKRWFECFDSVTSILFLVDSSDFNRLTESLNDFETIVNNRVFSNVSIILFLNKTDLLEEKVQIVSIKDYF
LEFEGDPHCLRDVQKFLVECFRNKRRDQQQKPLYHHFTTAINTENARLIFRDVKDTILHDNLKQLMLQ
;
A
3 'polypeptide(L)'
;MHHHHHHHHENLYFQGSSELDQLRQEAEQLKNQIRDARKACADATLSQITNNIDPVGRIQMRTRRTLRGHLAKIYAMHWG
TDSRLLVSASQDGKLIIWDSYTTNKVHAIPLRSSWVMTCAYAPSGNYVACGGLDNICSIYNLKTREGNVRVSRELAGHTG
YLSCCRFLDDNQIVTSSGDTTCALWDIETGQQTTTFTGHTGDVMSLSLAPDTRLFVSGACDASAKLWDVREGMCRQTFTG
HESDINAICFFPNGNAFATGSDDATCRLFDLRADQELMTYSHDNIICGITSVSFSKSGRLLLAGYDDFNCNVWDALKADR
AGVLAGHDNRVSCLGVTDDGMAVATGSWDSFLKIWNGGSGGGGSGGSSSGGVSGWRLFKKIS
;
B
4 'polypeptide(L)' ASNNTASIAQARKLVEQLKMEANIDRIKVSKAAADLMAYCEAHAKEDPLLTPVPASENPFREKKFFCAIL C
5 'polypeptide(L)'
;DVQLVESGGGLVQPGGSRKLSCSASGFAFSSFGMHWVRQAPEKGLEWVAYISSGSGTIYYADTVKGRFTISRDDPKNTLF
LQMTSLRSEDTAMYYCVRSIYYYGSSPFDFWGQGTTLTVSSGGGGSGGGGSGGGGSDIVMTQATSSVPVTPGESVSISCR
SSKSLLHSNGNTYLYWFLQRPGQSPQLLIYRMSNLASGVPDRFSGSGSGTAFTLTISRLEAEDVGVYYCMQHLEYPLTFG
AGTKLELK
;
S
#
# COMPACT_ATOMS: atom_id res chain seq x y z
N SER A 158 58.12 26.86 4.07
CA SER A 158 58.31 25.89 5.13
C SER A 158 57.59 26.31 6.40
N ILE A 159 56.91 25.36 7.04
CA ILE A 159 56.17 25.66 8.26
C ILE A 159 57.10 26.02 9.41
N ALA A 160 58.39 25.72 9.31
CA ALA A 160 59.34 26.11 10.34
C ALA A 160 59.45 27.62 10.46
N PHE A 161 59.11 28.37 9.41
CA PHE A 161 59.10 29.82 9.50
C PHE A 161 58.01 30.31 10.45
N PHE A 162 56.81 29.74 10.34
CA PHE A 162 55.70 30.17 11.19
C PHE A 162 55.85 29.68 12.62
N TYR A 163 56.31 28.42 12.79
CA TYR A 163 56.31 27.81 14.11
C TYR A 163 57.24 28.54 15.08
N ASN A 164 58.41 28.95 14.61
CA ASN A 164 59.34 29.69 15.47
C ASN A 164 58.75 31.05 15.87
N ARG A 165 58.06 31.72 14.94
CA ARG A 165 57.41 32.97 15.28
C ARG A 165 56.20 32.78 16.18
N SER A 166 55.60 31.60 16.18
CA SER A 166 54.42 31.32 17.00
C SER A 166 54.77 30.80 18.38
N GLY A 167 56.05 30.71 18.72
CA GLY A 167 56.45 30.21 20.02
C GLY A 167 56.35 28.71 20.19
N LYS A 168 56.10 27.97 19.10
CA LYS A 168 55.93 26.53 19.18
C LYS A 168 57.30 25.84 19.14
N HIS A 169 57.27 24.50 19.12
CA HIS A 169 58.49 23.71 19.11
C HIS A 169 58.36 22.58 18.09
N LEU A 170 59.49 22.18 17.53
CA LEU A 170 59.55 21.10 16.54
C LEU A 170 60.30 19.94 17.18
N ALA A 171 59.59 18.83 17.41
CA ALA A 171 60.21 17.66 18.01
C ALA A 171 61.05 16.91 16.97
N THR A 172 62.22 16.43 17.41
CA THR A 172 63.10 15.65 16.57
C THR A 172 63.19 14.19 16.98
N GLU A 173 62.91 13.86 18.23
CA GLU A 173 62.92 12.49 18.72
C GLU A 173 61.66 12.24 19.54
N TRP A 174 61.27 10.98 19.62
CA TRP A 174 60.07 10.61 20.35
C TRP A 174 60.27 10.83 21.84
N ASN A 175 59.32 11.49 22.48
CA ASN A 175 59.39 11.85 23.89
C ASN A 175 58.40 10.99 24.69
N THR A 176 58.49 11.10 26.02
CA THR A 176 57.54 10.41 26.89
C THR A 176 56.13 10.94 26.68
N VAL A 177 55.98 12.27 26.60
CA VAL A 177 54.67 12.86 26.33
C VAL A 177 54.19 12.47 24.93
N SER A 178 55.09 12.51 23.95
CA SER A 178 54.72 12.15 22.58
C SER A 178 54.27 10.70 22.50
N LYS A 179 54.96 9.79 23.19
CA LYS A 179 54.58 8.39 23.17
C LYS A 179 53.26 8.16 23.90
N LEU A 180 53.07 8.83 25.04
CA LEU A 180 51.83 8.67 25.79
C LEU A 180 50.63 9.21 25.03
N VAL A 181 50.78 10.39 24.40
CA VAL A 181 49.67 11.00 23.67
C VAL A 181 49.27 10.11 22.48
N MET A 182 50.26 9.63 21.73
CA MET A 182 49.96 8.79 20.57
C MET A 182 49.31 7.47 21.00
N GLY A 183 49.83 6.84 22.06
CA GLY A 183 49.26 5.58 22.50
C GLY A 183 47.86 5.74 23.07
N LEU A 184 47.65 6.77 23.89
CA LEU A 184 46.33 6.97 24.49
C LEU A 184 45.29 7.41 23.46
N GLY A 185 45.72 8.16 22.44
CA GLY A 185 44.78 8.61 21.42
C GLY A 185 44.46 7.57 20.37
N ILE A 186 45.37 6.63 20.12
CA ILE A 186 45.13 5.61 19.11
C ILE A 186 44.05 4.65 19.58
N THR A 187 44.14 4.19 20.83
CA THR A 187 43.15 3.24 21.35
C THR A 187 41.76 3.86 21.39
N VAL A 188 41.68 5.19 21.48
CA VAL A 188 40.39 5.86 21.35
C VAL A 188 39.87 5.75 19.93
N CYS A 189 40.77 5.86 18.94
CA CYS A 189 40.35 5.86 17.54
C CYS A 189 39.74 4.53 17.14
N ILE A 190 40.25 3.42 17.69
CA ILE A 190 39.68 2.11 17.36
C ILE A 190 38.24 2.01 17.82
N PHE A 191 37.95 2.50 19.04
CA PHE A 191 36.58 2.44 19.55
C PHE A 191 35.64 3.30 18.73
N ILE A 192 36.08 4.49 18.32
CA ILE A 192 35.22 5.39 17.57
C ILE A 192 34.82 4.79 16.23
N MET A 193 35.79 4.22 15.51
CA MET A 193 35.52 3.65 14.20
C MET A 193 34.81 2.30 14.28
N LEU A 194 34.71 1.70 15.46
CA LEU A 194 34.04 0.42 15.64
C LEU A 194 32.66 0.55 16.27
N ALA A 195 32.53 1.34 17.35
CA ALA A 195 31.23 1.54 17.97
C ALA A 195 30.28 2.26 17.03
N ASN A 196 30.77 3.26 16.29
CA ASN A 196 29.92 3.97 15.34
C ASN A 196 29.62 3.13 14.10
N LEU A 197 30.45 2.14 13.81
CA LEU A 197 30.14 1.22 12.71
C LEU A 197 29.04 0.24 13.09
N LEU A 198 28.95 -0.12 14.39
CA LEU A 198 27.89 -1.01 14.84
C LEU A 198 26.52 -0.35 14.69
N VAL A 199 26.44 0.95 14.95
CA VAL A 199 25.16 1.66 14.85
C VAL A 199 24.70 1.68 13.39
N MET A 200 25.64 1.79 12.44
CA MET A 200 25.27 1.78 11.03
C MET A 200 24.62 0.46 10.64
N VAL A 201 25.18 -0.67 11.08
CA VAL A 201 24.68 -1.97 10.67
C VAL A 201 23.32 -2.25 11.29
N ALA A 202 23.15 -1.93 12.58
CA ALA A 202 21.91 -2.25 13.27
C ALA A 202 20.71 -1.55 12.64
N ILE A 203 20.87 -0.28 12.26
CA ILE A 203 19.79 0.46 11.63
C ILE A 203 19.43 -0.13 10.26
N TYR A 204 20.40 -0.64 9.53
CA TYR A 204 20.16 -1.21 8.20
C TYR A 204 19.58 -2.62 8.26
N VAL A 205 20.00 -3.44 9.23
CA VAL A 205 19.58 -4.83 9.28
C VAL A 205 18.24 -5.02 9.97
N ASN A 206 17.72 -4.01 10.66
CA ASN A 206 16.45 -4.10 11.37
C ASN A 206 15.42 -3.24 10.66
N ARG A 207 14.31 -3.84 10.26
CA ARG A 207 13.24 -3.13 9.57
C ARG A 207 12.45 -2.22 10.50
N ARG A 208 12.63 -2.34 11.81
CA ARG A 208 11.94 -1.50 12.78
C ARG A 208 12.67 -0.18 13.04
N PHE A 209 13.80 0.05 12.38
CA PHE A 209 14.58 1.26 12.54
C PHE A 209 14.52 2.16 11.30
N HIS A 210 13.55 1.92 10.42
CA HIS A 210 13.44 2.68 9.17
C HIS A 210 12.46 3.84 9.34
N PHE A 211 12.87 4.79 10.18
CA PHE A 211 12.07 5.97 10.48
C PHE A 211 12.98 7.19 10.50
N PRO A 212 12.42 8.38 10.31
CA PRO A 212 13.26 9.59 10.16
C PRO A 212 14.21 9.84 11.32
N ILE A 213 13.82 9.51 12.55
CA ILE A 213 14.69 9.81 13.69
C ILE A 213 15.96 8.98 13.63
N TYR A 214 15.88 7.74 13.14
CA TYR A 214 17.05 6.88 13.08
C TYR A 214 18.00 7.27 11.95
N TYR A 215 17.52 7.98 10.93
CA TYR A 215 18.40 8.41 9.85
C TYR A 215 19.31 9.56 10.28
N LEU A 216 18.86 10.38 11.22
CA LEU A 216 19.74 11.38 11.81
C LEU A 216 20.72 10.77 12.80
N MET A 217 20.42 9.58 13.32
CA MET A 217 21.34 8.87 14.21
C MET A 217 22.36 8.05 13.43
N ALA A 218 21.97 7.51 12.27
CA ALA A 218 22.95 6.86 11.40
C ALA A 218 23.86 7.88 10.74
N ASN A 219 23.34 9.07 10.44
CA ASN A 219 24.18 10.14 9.92
C ASN A 219 25.19 10.61 10.96
N LEU A 220 24.77 10.66 12.22
CA LEU A 220 25.71 11.04 13.29
C LEU A 220 26.84 10.02 13.42
N ALA A 221 26.55 8.74 13.14
CA ALA A 221 27.61 7.75 13.13
C ALA A 221 28.59 8.01 12.00
N ALA A 222 28.10 8.44 10.84
CA ALA A 222 28.98 8.78 9.72
C ALA A 222 29.85 9.98 10.06
N ALA A 223 29.28 10.99 10.71
CA ALA A 223 30.06 12.15 11.12
C ALA A 223 31.10 11.78 12.17
N ASP A 224 30.76 10.87 13.08
CA ASP A 224 31.68 10.46 14.14
C ASP A 224 32.71 9.45 13.65
N PHE A 225 32.34 8.58 12.71
CA PHE A 225 33.33 7.67 12.12
C PHE A 225 34.37 8.45 11.33
N PHE A 226 33.95 9.50 10.63
CA PHE A 226 34.90 10.37 9.95
C PHE A 226 35.85 11.02 10.96
N ALA A 227 35.31 11.43 12.11
CA ALA A 227 36.12 12.06 13.15
C ALA A 227 37.16 11.12 13.73
N GLY A 228 37.05 9.81 13.51
CA GLY A 228 38.07 8.89 13.93
C GLY A 228 39.20 8.80 12.93
N LEU A 229 38.86 8.80 11.64
CA LEU A 229 39.88 8.83 10.59
C LEU A 229 40.66 10.14 10.62
N ALA A 230 39.97 11.26 10.84
CA ALA A 230 40.65 12.55 10.90
C ALA A 230 41.60 12.65 12.09
N TYR A 231 41.39 11.82 13.12
CA TYR A 231 42.33 11.75 14.24
C TYR A 231 43.41 10.71 14.00
N PHE A 232 43.10 9.64 13.28
CA PHE A 232 44.12 8.66 12.91
C PHE A 232 45.20 9.29 12.05
N TYR A 233 44.79 10.12 11.08
CA TYR A 233 45.75 10.79 10.22
C TYR A 233 46.64 11.76 11.00
N LEU A 234 46.03 12.55 11.90
CA LEU A 234 46.79 13.57 12.62
C LEU A 234 47.78 12.95 13.59
N MET A 235 47.43 11.81 14.21
CA MET A 235 48.33 11.20 15.18
C MET A 235 49.63 10.77 14.53
N PHE A 236 49.57 10.23 13.31
CA PHE A 236 50.78 9.81 12.62
C PHE A 236 51.67 11.01 12.31
N ASN A 237 51.09 12.11 11.85
CA ASN A 237 51.85 13.30 11.48
C ASN A 237 51.89 14.31 12.63
N THR A 238 52.46 13.87 13.74
CA THR A 238 52.58 14.71 14.92
C THR A 238 53.77 14.24 15.75
N GLY A 239 54.57 15.18 16.23
CA GLY A 239 55.74 14.86 17.01
C GLY A 239 57.00 14.94 16.17
N PRO A 240 57.69 13.81 16.02
CA PRO A 240 58.83 13.76 15.10
C PRO A 240 58.46 13.70 13.63
N ASN A 241 57.18 13.89 13.31
CA ASN A 241 56.70 13.89 11.94
C ASN A 241 56.16 15.23 11.48
N THR A 242 55.99 16.19 12.38
CA THR A 242 55.47 17.51 12.03
C THR A 242 56.55 18.45 11.50
N ARG A 243 57.82 18.07 11.59
CA ARG A 243 58.91 18.81 10.98
C ARG A 243 59.16 18.39 9.53
N ARG A 244 58.17 17.73 8.92
CA ARG A 244 58.29 17.19 7.58
C ARG A 244 57.19 17.66 6.63
N LEU A 245 55.98 17.95 7.13
CA LEU A 245 54.90 18.39 6.28
C LEU A 245 55.21 19.76 5.67
N THR A 246 54.71 19.97 4.45
CA THR A 246 54.79 21.25 3.78
C THR A 246 53.58 22.09 4.15
N VAL A 247 53.49 23.29 3.56
CA VAL A 247 52.34 24.15 3.80
C VAL A 247 51.07 23.52 3.23
N SER A 248 51.16 22.96 2.02
CA SER A 248 49.98 22.36 1.40
C SER A 248 49.50 21.15 2.18
N THR A 249 50.41 20.32 2.68
CA THR A 249 50.02 19.16 3.47
C THR A 249 49.57 19.55 4.87
N TRP A 250 50.11 20.65 5.41
CA TRP A 250 49.68 21.11 6.73
C TRP A 250 48.21 21.55 6.71
N LEU A 251 47.79 22.24 5.65
CA LEU A 251 46.41 22.70 5.56
C LEU A 251 45.45 21.56 5.30
N LEU A 252 45.91 20.47 4.68
CA LEU A 252 45.05 19.29 4.50
C LEU A 252 44.91 18.51 5.80
N ARG A 253 46.00 18.42 6.58
CA ARG A 253 45.93 17.71 7.86
C ARG A 253 44.97 18.39 8.82
N GLN A 254 45.03 19.71 8.91
CA GLN A 254 44.15 20.43 9.81
C GLN A 254 42.74 20.56 9.26
N GLY A 255 42.59 20.64 7.94
CA GLY A 255 41.28 20.79 7.34
C GLY A 255 40.39 19.58 7.49
N LEU A 256 40.97 18.39 7.66
CA LEU A 256 40.17 17.19 7.89
C LEU A 256 39.61 17.16 9.31
N ILE A 257 40.29 17.80 10.26
CA ILE A 257 39.79 17.86 11.63
C ILE A 257 38.53 18.71 11.70
N ASP A 258 38.55 19.89 11.08
CA ASP A 258 37.42 20.80 11.17
C ASP A 258 36.20 20.27 10.43
N THR A 259 36.40 19.56 9.32
CA THR A 259 35.26 19.05 8.57
C THR A 259 34.55 17.93 9.31
N SER A 260 35.23 17.27 10.24
CA SER A 260 34.63 16.16 10.98
C SER A 260 33.94 16.64 12.25
N LEU A 261 34.58 17.55 12.99
CA LEU A 261 33.98 18.04 14.23
C LEU A 261 32.78 18.94 13.95
N THR A 262 32.80 19.69 12.85
CA THR A 262 31.65 20.50 12.48
C THR A 262 30.45 19.64 12.13
N ALA A 263 30.69 18.51 11.44
CA ALA A 263 29.59 17.63 11.07
C ALA A 263 29.00 16.94 12.29
N SER A 264 29.83 16.67 13.31
CA SER A 264 29.33 16.03 14.52
C SER A 264 28.47 16.99 15.34
N VAL A 265 28.91 18.24 15.48
CA VAL A 265 28.16 19.21 16.27
C VAL A 265 26.85 19.57 15.58
N ALA A 266 26.87 19.69 14.25
CA ALA A 266 25.66 20.04 13.51
C ALA A 266 24.64 18.90 13.51
N ASN A 267 25.08 17.66 13.67
CA ASN A 267 24.15 16.55 13.78
C ASN A 267 23.51 16.49 15.15
N LEU A 268 24.19 16.99 16.18
CA LEU A 268 23.58 17.06 17.50
C LEU A 268 22.44 18.06 17.54
N LEU A 269 22.58 19.17 16.81
CA LEU A 269 21.50 20.15 16.71
C LEU A 269 20.37 19.66 15.84
N ALA A 270 20.67 18.89 14.78
CA ALA A 270 19.62 18.38 13.91
C ALA A 270 18.74 17.37 14.63
N ILE A 271 19.31 16.58 15.54
CA ILE A 271 18.51 15.65 16.32
C ILE A 271 17.57 16.41 17.27
N ALA A 272 18.05 17.52 17.84
CA ALA A 272 17.25 18.29 18.77
C ALA A 272 16.08 18.99 18.11
N ILE A 273 16.11 19.18 16.79
CA ILE A 273 14.99 19.82 16.10
C ILE A 273 13.98 18.79 15.62
N GLU A 274 14.42 17.59 15.24
CA GLU A 274 13.49 16.54 14.87
C GLU A 274 12.60 16.14 16.04
N ARG A 275 13.18 16.04 17.23
CA ARG A 275 12.38 15.75 18.42
C ARG A 275 11.41 16.86 18.72
N HIS A 276 11.86 18.13 18.59
CA HIS A 276 10.98 19.26 18.84
C HIS A 276 9.87 19.36 17.80
N ILE A 277 10.04 18.76 16.64
CA ILE A 277 9.02 18.85 15.59
C ILE A 277 7.94 17.80 15.81
N THR A 278 8.32 16.57 16.12
CA THR A 278 7.35 15.49 16.28
C THR A 278 6.89 15.37 17.73
N VAL A 279 6.97 16.47 18.47
CA VAL A 279 6.41 16.52 19.81
C VAL A 279 5.31 17.57 19.96
N PHE A 280 5.36 18.67 19.21
CA PHE A 280 4.31 19.69 19.21
C PHE A 280 3.38 19.55 18.03
N ARG A 281 3.50 18.47 17.26
CA ARG A 281 2.64 18.19 16.12
C ARG A 281 1.77 16.97 16.42
N MET A 282 0.50 17.05 16.05
CA MET A 282 -0.44 15.96 16.33
C MET A 282 -0.43 14.91 15.23
N GLN A 283 0.75 14.36 14.95
CA GLN A 283 0.91 13.29 13.98
C GLN A 283 1.94 12.30 14.49
N LEU A 284 1.79 11.05 14.09
CA LEU A 284 2.70 10.00 14.54
C LEU A 284 4.00 10.04 13.75
N HIS A 285 5.12 9.87 14.46
CA HIS A 285 6.42 9.86 13.79
C HIS A 285 6.55 8.68 12.84
N THR A 286 5.83 7.60 13.07
CA THR A 286 5.84 6.47 12.14
C THR A 286 5.19 6.86 10.81
N ARG A 287 4.20 7.74 10.85
CA ARG A 287 3.45 8.17 9.67
C ARG A 287 4.02 9.44 9.05
N MET A 288 5.33 9.65 9.15
CA MET A 288 5.97 10.85 8.63
C MET A 288 6.77 10.53 7.37
N SER A 289 7.01 11.56 6.59
CA SER A 289 7.72 11.43 5.32
C SER A 289 9.22 11.62 5.53
N ASN A 290 10.01 11.00 4.66
CA ASN A 290 11.46 11.05 4.72
C ASN A 290 12.05 12.17 3.88
N ARG A 291 11.26 13.20 3.59
CA ARG A 291 11.72 14.32 2.76
C ARG A 291 12.48 15.37 3.57
N ARG A 292 12.03 15.67 4.78
CA ARG A 292 12.68 16.69 5.58
C ARG A 292 14.05 16.23 6.09
N VAL A 293 14.21 14.94 6.35
CA VAL A 293 15.48 14.43 6.89
C VAL A 293 16.57 14.50 5.82
N VAL A 294 16.27 14.08 4.59
CA VAL A 294 17.28 14.07 3.55
C VAL A 294 17.68 15.48 3.17
N VAL A 295 16.75 16.44 3.28
CA VAL A 295 17.11 17.84 3.04
C VAL A 295 18.05 18.33 4.13
N VAL A 296 17.78 17.98 5.38
CA VAL A 296 18.65 18.39 6.49
C VAL A 296 20.00 17.69 6.40
N ILE A 297 20.01 16.42 5.98
CA ILE A 297 21.25 15.65 5.94
C ILE A 297 22.27 16.29 4.98
N VAL A 298 21.82 16.66 3.79
CA VAL A 298 22.73 17.25 2.82
C VAL A 298 23.21 18.63 3.27
N VAL A 299 22.35 19.38 3.96
CA VAL A 299 22.76 20.70 4.46
C VAL A 299 23.82 20.55 5.54
N ILE A 300 23.71 19.52 6.37
CA ILE A 300 24.71 19.28 7.40
C ILE A 300 26.08 19.04 6.78
N TRP A 301 26.13 18.19 5.76
CA TRP A 301 27.40 17.83 5.13
C TRP A 301 27.94 18.93 4.25
N THR A 302 27.07 19.72 3.61
CA THR A 302 27.53 20.81 2.76
C THR A 302 28.19 21.92 3.57
N MET A 303 27.58 22.31 4.69
CA MET A 303 28.14 23.36 5.51
C MET A 303 29.46 22.95 6.16
N ALA A 304 29.58 21.69 6.55
CA ALA A 304 30.81 21.21 7.17
C ALA A 304 31.99 21.29 6.21
N ILE A 305 31.77 20.90 4.94
CA ILE A 305 32.85 20.97 3.95
C ILE A 305 33.22 22.41 3.67
N VAL A 306 32.22 23.31 3.66
CA VAL A 306 32.50 24.73 3.45
C VAL A 306 33.36 25.27 4.58
N MET A 307 33.03 24.91 5.84
CA MET A 307 33.80 25.39 6.98
C MET A 307 35.20 24.81 7.02
N GLY A 308 35.44 23.68 6.35
CA GLY A 308 36.77 23.10 6.28
C GLY A 308 37.59 23.52 5.08
N ALA A 309 37.00 24.26 4.15
CA ALA A 309 37.71 24.69 2.94
C ALA A 309 38.02 26.18 2.92
N ILE A 310 37.30 27.00 3.68
CA ILE A 310 37.57 28.45 3.68
C ILE A 310 38.98 28.80 4.15
N PRO A 311 39.56 28.18 5.19
CA PRO A 311 40.92 28.60 5.58
C PRO A 311 41.98 28.28 4.54
N SER A 312 41.71 27.34 3.64
CA SER A 312 42.67 26.97 2.59
C SER A 312 42.52 27.83 1.34
N VAL A 313 41.50 28.68 1.26
CA VAL A 313 41.30 29.55 0.11
C VAL A 313 41.46 31.02 0.47
N GLY A 314 42.06 31.32 1.61
CA GLY A 314 42.37 32.70 1.93
C GLY A 314 42.20 33.11 3.39
N TRP A 315 41.35 32.40 4.15
CA TRP A 315 41.11 32.76 5.54
C TRP A 315 42.18 32.11 6.44
N ASN A 316 43.39 32.61 6.28
CA ASN A 316 44.53 32.17 7.07
C ASN A 316 45.58 33.28 7.06
N CYS A 317 46.65 33.09 7.84
CA CYS A 317 47.64 34.14 8.05
C CYS A 317 48.90 33.94 7.20
N ILE A 318 48.86 33.08 6.20
CA ILE A 318 50.01 32.94 5.30
C ILE A 318 50.29 34.20 4.51
N CYS A 319 49.29 35.09 4.37
CA CYS A 319 49.48 36.38 3.74
C CYS A 319 49.47 37.55 4.71
N ASP A 320 48.91 37.38 5.90
CA ASP A 320 48.93 38.38 6.97
C ASP A 320 49.71 37.76 8.13
N ILE A 321 51.04 37.91 8.09
CA ILE A 321 51.91 37.19 9.02
C ILE A 321 51.89 37.75 10.43
N GLU A 322 51.29 38.91 10.65
CA GLU A 322 51.39 39.57 11.95
C GLU A 322 50.44 38.96 12.97
N ASN A 323 49.13 39.01 12.70
CA ASN A 323 48.11 38.62 13.68
C ASN A 323 47.50 37.28 13.29
N CYS A 324 48.03 36.20 13.87
CA CYS A 324 47.38 34.91 13.79
C CYS A 324 47.79 34.06 14.98
N SER A 325 47.02 32.99 15.21
CA SER A 325 47.06 32.25 16.47
C SER A 325 48.41 31.57 16.68
N ASN A 326 48.59 31.08 17.91
CA ASN A 326 49.80 30.35 18.32
C ASN A 326 49.60 28.85 18.32
N MET A 327 48.39 28.37 18.64
CA MET A 327 48.13 26.93 18.64
C MET A 327 48.15 26.38 17.22
N ALA A 328 47.59 27.12 16.27
CA ALA A 328 47.65 26.79 14.84
C ALA A 328 48.41 27.91 14.15
N PRO A 329 49.70 27.76 13.92
CA PRO A 329 50.51 28.88 13.40
C PRO A 329 50.10 29.36 12.03
N LEU A 330 49.41 28.53 11.24
CA LEU A 330 48.99 28.91 9.90
C LEU A 330 47.55 29.37 9.83
N TYR A 331 46.84 29.40 10.96
CA TYR A 331 45.46 29.85 11.00
C TYR A 331 45.36 31.23 11.63
N SER A 332 44.54 32.09 11.02
CA SER A 332 44.33 33.42 11.56
C SER A 332 43.50 33.35 12.84
N ASP A 333 43.71 34.34 13.72
CA ASP A 333 42.98 34.39 14.98
C ASP A 333 41.53 34.77 14.81
N SER A 334 41.13 35.21 13.62
CA SER A 334 39.73 35.52 13.33
C SER A 334 38.94 34.29 12.90
N TYR A 335 39.60 33.17 12.64
CA TYR A 335 38.93 31.93 12.30
C TYR A 335 38.73 31.02 13.51
N LEU A 336 39.61 31.12 14.52
CA LEU A 336 39.36 30.42 15.77
C LEU A 336 38.19 31.02 16.52
N VAL A 337 38.05 32.35 16.47
CA VAL A 337 36.92 33.01 17.10
C VAL A 337 35.63 32.68 16.36
N PHE A 338 35.69 32.62 15.03
CA PHE A 338 34.49 32.32 14.26
C PHE A 338 34.00 30.89 14.49
N TRP A 339 34.92 29.96 14.74
CA TRP A 339 34.52 28.58 15.02
C TRP A 339 33.96 28.42 16.43
N ALA A 340 34.47 29.19 17.39
CA ALA A 340 33.95 29.12 18.75
C ALA A 340 32.52 29.65 18.82
N ILE A 341 32.21 30.70 18.04
CA ILE A 341 30.86 31.24 18.03
C ILE A 341 29.88 30.24 17.44
N PHE A 342 30.32 29.47 16.43
CA PHE A 342 29.43 28.52 15.76
C PHE A 342 28.93 27.46 16.72
N ASN A 343 29.81 26.92 17.55
CA ASN A 343 29.44 25.83 18.45
C ASN A 343 28.78 26.35 19.73
N LEU A 344 29.21 27.51 20.21
CA LEU A 344 28.57 28.09 21.39
C LEU A 344 27.12 28.45 21.11
N VAL A 345 26.83 28.96 19.92
CA VAL A 345 25.46 29.25 19.53
C VAL A 345 24.66 27.96 19.37
N THR A 346 25.30 26.93 18.82
CA THR A 346 24.62 25.64 18.63
C THR A 346 24.20 25.04 19.97
N PHE A 347 25.09 25.08 20.97
CA PHE A 347 24.74 24.55 22.28
C PHE A 347 23.59 25.32 22.91
N VAL A 348 23.61 26.64 22.81
CA VAL A 348 22.57 27.46 23.43
C VAL A 348 21.22 27.17 22.79
N VAL A 349 21.20 26.98 21.47
CA VAL A 349 19.93 26.73 20.78
C VAL A 349 19.35 25.38 21.19
N MET A 350 20.18 24.34 21.25
CA MET A 350 19.67 23.00 21.55
C MET A 350 19.39 22.81 23.03
N VAL A 351 19.90 23.70 23.90
CA VAL A 351 19.48 23.70 25.29
C VAL A 351 18.05 24.22 25.41
N VAL A 352 17.73 25.27 24.64
CA VAL A 352 16.38 25.84 24.68
C VAL A 352 15.38 24.85 24.11
N LEU A 353 15.75 24.15 23.03
CA LEU A 353 14.83 23.19 22.41
C LEU A 353 14.48 22.05 23.37
N TYR A 354 15.49 21.53 24.10
CA TYR A 354 15.24 20.45 25.03
C TYR A 354 14.55 20.90 26.31
N ALA A 355 14.71 22.17 26.70
CA ALA A 355 14.04 22.69 27.88
C ALA A 355 12.59 23.08 27.60
N HIS A 356 12.20 23.21 26.33
CA HIS A 356 10.81 23.46 25.98
C HIS A 356 10.02 22.17 25.86
N ILE A 357 10.67 21.08 25.46
CA ILE A 357 10.02 19.77 25.46
C ILE A 357 9.68 19.35 26.88
N PHE A 358 10.63 19.49 27.80
CA PHE A 358 10.39 19.07 29.18
C PHE A 358 9.27 19.87 29.82
N GLY A 359 9.26 21.18 29.61
CA GLY A 359 8.23 22.02 30.20
C GLY A 359 6.86 21.86 29.58
N TYR A 360 6.80 21.30 28.37
CA TYR A 360 5.51 21.10 27.70
C TYR A 360 4.88 19.78 28.12
N VAL A 361 5.65 18.70 28.13
CA VAL A 361 5.12 17.42 28.57
C VAL A 361 4.81 17.44 30.06
N ARG A 362 5.55 18.25 30.84
CA ARG A 362 5.31 18.31 32.28
C ARG A 362 3.96 18.93 32.60
N GLN A 363 3.55 19.95 31.84
CA GLN A 363 2.27 20.59 32.08
C GLN A 363 1.09 19.79 31.54
N ARG A 364 1.33 18.78 30.70
CA ARG A 364 0.27 17.93 30.20
C ARG A 364 0.08 16.70 31.09
N THR A 365 1.16 16.18 31.66
CA THR A 365 1.04 15.07 32.61
C THR A 365 0.26 15.50 33.85
N MET A 366 0.46 16.74 34.31
CA MET A 366 -0.28 17.23 35.47
C MET A 366 -1.74 17.46 35.16
N ARG A 367 -2.07 17.87 33.93
CA ARG A 367 -3.46 18.12 33.58
C ARG A 367 -4.24 16.82 33.39
N MET A 368 -3.63 15.81 32.78
CA MET A 368 -4.27 14.52 32.58
C MET A 368 -3.95 13.55 33.72
N SER A 369 -4.18 13.99 34.95
CA SER A 369 -4.01 13.13 36.12
C SER A 369 -5.33 12.72 36.75
N ARG A 370 -6.38 13.52 36.61
CA ARG A 370 -7.69 13.15 37.11
C ARG A 370 -8.33 12.09 36.22
N HIS A 371 -8.49 12.40 34.94
CA HIS A 371 -9.16 11.47 34.02
C HIS A 371 -8.32 10.22 33.79
N SER A 372 -7.04 10.41 33.47
CA SER A 372 -6.18 9.29 33.05
C SER A 372 -5.50 8.69 34.27
N SER A 373 -6.18 7.72 34.87
CA SER A 373 -5.58 6.91 35.93
C SER A 373 -4.97 5.63 35.39
N GLY A 374 -5.06 5.38 34.09
CA GLY A 374 -4.43 4.23 33.47
C GLY A 374 -2.93 4.35 33.51
N PRO A 375 -2.22 3.23 33.34
CA PRO A 375 -0.76 3.24 33.51
C PRO A 375 -0.03 4.02 32.43
N ARG A 376 -0.26 5.33 32.41
CA ARG A 376 0.53 6.27 31.62
C ARG A 376 0.59 7.58 32.39
N ARG A 377 1.57 8.42 32.03
CA ARG A 377 1.90 9.63 32.78
C ARG A 377 2.50 9.24 34.13
N ASN A 378 2.24 10.06 35.15
CA ASN A 378 2.78 9.88 36.50
C ASN A 378 4.27 10.21 36.55
N ARG A 379 4.97 9.71 37.57
CA ARG A 379 6.34 10.14 37.82
C ARG A 379 7.38 9.38 37.00
N ASP A 380 7.08 8.14 36.60
CA ASP A 380 8.01 7.41 35.74
C ASP A 380 8.13 8.09 34.38
N THR A 381 7.15 8.89 33.98
CA THR A 381 7.24 9.69 32.77
C THR A 381 8.17 10.88 32.95
N MET A 382 8.07 11.57 34.08
CA MET A 382 8.79 12.81 34.27
C MET A 382 10.16 12.63 34.89
N MET A 383 10.58 11.40 35.15
CA MET A 383 11.92 11.12 35.65
C MET A 383 12.78 10.37 34.64
N SER A 384 12.18 9.69 33.67
CA SER A 384 12.91 9.11 32.55
C SER A 384 13.08 10.08 31.39
N LEU A 385 12.45 11.25 31.47
CA LEU A 385 12.64 12.32 30.50
C LEU A 385 13.60 13.39 30.98
N LEU A 386 13.68 13.61 32.30
CA LEU A 386 14.69 14.52 32.83
C LEU A 386 16.07 13.89 32.81
N LYS A 387 16.15 12.57 32.98
CA LYS A 387 17.44 11.89 32.94
C LYS A 387 18.07 12.00 31.55
N THR A 388 17.27 11.79 30.51
CA THR A 388 17.80 11.86 29.15
C THR A 388 18.31 13.25 28.80
N VAL A 389 17.55 14.29 29.20
CA VAL A 389 17.95 15.66 28.90
C VAL A 389 19.27 16.00 29.58
N VAL A 390 19.46 15.52 30.82
CA VAL A 390 20.68 15.83 31.56
C VAL A 390 21.88 15.15 30.91
N ILE A 391 21.71 13.91 30.44
CA ILE A 391 22.83 13.18 29.87
C ILE A 391 23.27 13.79 28.54
N VAL A 392 22.32 14.13 27.67
CA VAL A 392 22.68 14.70 26.37
C VAL A 392 23.29 16.08 26.53
N LEU A 393 22.82 16.86 27.51
CA LEU A 393 23.35 18.20 27.74
C LEU A 393 24.60 18.20 28.60
N GLY A 394 24.68 17.29 29.58
CA GLY A 394 25.87 17.24 30.42
C GLY A 394 27.11 16.77 29.68
N ALA A 395 26.94 15.82 28.76
CA ALA A 395 28.09 15.30 28.01
C ALA A 395 28.69 16.36 27.10
N PHE A 396 27.85 17.24 26.54
CA PHE A 396 28.37 18.31 25.69
C PHE A 396 29.25 19.27 26.48
N ILE A 397 28.83 19.61 27.70
CA ILE A 397 29.60 20.54 28.53
C ILE A 397 30.93 19.91 28.94
N ILE A 398 30.92 18.63 29.31
CA ILE A 398 32.13 17.99 29.83
C ILE A 398 33.19 17.90 28.74
N CYS A 399 32.80 17.52 27.52
CA CYS A 399 33.75 17.23 26.46
C CYS A 399 34.02 18.42 25.53
N TRP A 400 33.39 19.57 25.78
CA TRP A 400 33.59 20.69 24.87
C TRP A 400 33.83 22.04 25.55
N THR A 401 33.69 22.16 26.86
CA THR A 401 33.88 23.46 27.50
C THR A 401 35.36 23.81 27.64
N PRO A 402 36.23 22.90 28.09
CA PRO A 402 37.67 23.25 28.10
C PRO A 402 38.22 23.59 26.72
N GLY A 403 37.70 22.97 25.66
CA GLY A 403 38.21 23.25 24.33
C GLY A 403 37.95 24.68 23.90
N LEU A 404 36.73 25.18 24.13
CA LEU A 404 36.36 26.52 23.72
C LEU A 404 37.06 27.59 24.56
N VAL A 405 37.37 27.28 25.81
CA VAL A 405 38.06 28.24 26.66
C VAL A 405 39.46 28.49 26.15
N LEU A 406 40.16 27.43 25.73
CA LEU A 406 41.50 27.59 25.16
C LEU A 406 41.45 28.39 23.86
N LEU A 407 40.43 28.14 23.03
CA LEU A 407 40.34 28.85 21.76
C LEU A 407 40.18 30.35 21.98
N LEU A 408 39.34 30.75 22.93
CA LEU A 408 39.17 32.17 23.23
C LEU A 408 40.27 32.73 24.11
N LEU A 409 41.05 31.87 24.77
CA LEU A 409 42.20 32.34 25.53
C LEU A 409 43.41 32.58 24.63
N ASP A 410 43.57 31.75 23.60
CA ASP A 410 44.67 31.94 22.66
C ASP A 410 44.55 33.28 21.94
N VAL A 411 43.34 33.61 21.48
CA VAL A 411 43.13 34.86 20.76
C VAL A 411 43.24 36.06 21.69
N CYS A 412 42.60 35.98 22.87
CA CYS A 412 42.46 37.13 23.74
C CYS A 412 43.68 37.36 24.63
N CYS A 413 44.18 36.31 25.25
CA CYS A 413 45.26 36.46 26.23
C CYS A 413 46.59 36.06 25.60
N PRO A 414 47.50 37.01 25.32
CA PRO A 414 48.81 36.62 24.81
C PRO A 414 49.71 36.01 25.87
N GLN A 415 49.58 36.43 27.13
CA GLN A 415 50.43 35.93 28.21
C GLN A 415 49.77 34.73 28.89
N CYS A 416 49.41 33.74 28.07
CA CYS A 416 48.79 32.51 28.55
C CYS A 416 49.53 31.32 27.96
N ASP A 417 49.87 30.36 28.80
CA ASP A 417 50.58 29.16 28.36
C ASP A 417 49.57 28.11 27.89
N VAL A 418 48.87 28.46 26.81
CA VAL A 418 47.86 27.57 26.24
C VAL A 418 48.46 26.42 25.44
N LEU A 419 49.79 26.38 25.31
CA LEU A 419 50.44 25.32 24.54
C LEU A 419 50.60 24.03 25.32
N ALA A 420 50.41 24.06 26.64
CA ALA A 420 50.58 22.87 27.46
C ALA A 420 49.34 21.97 27.47
N TYR A 421 48.15 22.57 27.51
CA TYR A 421 46.90 21.81 27.58
C TYR A 421 46.32 21.44 26.23
N GLU A 422 46.90 21.94 25.13
CA GLU A 422 46.26 21.79 23.82
C GLU A 422 46.25 20.34 23.36
N LYS A 423 47.23 19.53 23.77
CA LYS A 423 47.31 18.17 23.26
C LYS A 423 46.36 17.22 23.95
N PHE A 424 45.81 17.59 25.11
CA PHE A 424 44.84 16.78 25.82
C PHE A 424 43.42 17.33 25.75
N PHE A 425 43.26 18.64 25.59
CA PHE A 425 41.93 19.21 25.40
C PHE A 425 41.34 18.85 24.05
N LEU A 426 42.18 18.47 23.09
CA LEU A 426 41.70 18.00 21.79
C LEU A 426 41.33 16.53 21.81
N LEU A 427 42.06 15.71 22.58
CA LEU A 427 41.68 14.31 22.75
C LEU A 427 40.35 14.20 23.48
N LEU A 428 40.14 15.04 24.50
CA LEU A 428 38.89 15.00 25.24
C LEU A 428 37.71 15.44 24.37
N ALA A 429 37.94 16.35 23.42
CA ALA A 429 36.89 16.76 22.50
C ALA A 429 36.56 15.66 21.50
N GLU A 430 37.50 14.80 21.16
CA GLU A 430 37.25 13.66 20.30
C GLU A 430 36.65 12.48 21.05
N PHE A 431 36.64 12.51 22.38
CA PHE A 431 35.96 11.50 23.16
C PHE A 431 34.44 11.67 23.11
N ASN A 432 33.96 12.88 22.77
CA ASN A 432 32.53 13.07 22.59
C ASN A 432 31.98 12.24 21.44
N SER A 433 32.79 12.01 20.39
CA SER A 433 32.38 11.15 19.29
C SER A 433 32.31 9.69 19.69
N ALA A 434 32.83 9.32 20.86
CA ALA A 434 32.71 7.97 21.38
C ALA A 434 31.58 7.80 22.38
N MET A 435 31.22 8.87 23.10
CA MET A 435 30.09 8.82 24.02
C MET A 435 28.76 9.02 23.32
N ASN A 436 28.77 9.56 22.10
CA ASN A 436 27.51 9.75 21.36
C ASN A 436 26.78 8.45 21.05
N PRO A 437 27.42 7.38 20.54
CA PRO A 437 26.66 6.15 20.26
C PRO A 437 26.09 5.50 21.50
N ILE A 438 26.60 5.79 22.69
CA ILE A 438 26.08 5.21 23.92
C ILE A 438 25.05 6.11 24.59
N ILE A 439 24.78 7.28 24.02
CA ILE A 439 23.78 8.20 24.56
C ILE A 439 22.51 8.19 23.73
N TYR A 440 22.63 8.16 22.40
CA TYR A 440 21.49 8.16 21.52
C TYR A 440 21.08 6.78 21.03
N SER A 441 21.82 5.73 21.40
CA SER A 441 21.52 4.38 20.96
C SER A 441 21.63 3.37 22.10
N TYR A 442 21.25 3.77 23.31
CA TYR A 442 21.19 2.86 24.44
C TYR A 442 19.80 2.74 25.05
N ARG A 443 18.92 3.72 24.84
CA ARG A 443 17.56 3.63 25.37
C ARG A 443 16.76 2.56 24.63
N ASP A 444 17.00 2.40 23.34
CA ASP A 444 16.29 1.40 22.54
C ASP A 444 16.72 0.00 22.96
N LYS A 445 15.83 -0.72 23.65
CA LYS A 445 16.11 -2.10 24.01
C LYS A 445 16.23 -2.98 22.77
N GLU A 446 15.54 -2.62 21.69
CA GLU A 446 15.65 -3.38 20.45
C GLU A 446 17.05 -3.21 19.84
N MET A 447 17.60 -1.99 19.92
CA MET A 447 18.95 -1.76 19.39
C MET A 447 19.99 -2.55 20.18
N SER A 448 19.85 -2.59 21.51
CA SER A 448 20.75 -3.40 22.31
C SER A 448 20.60 -4.89 21.99
N ALA A 449 19.36 -5.33 21.80
CA ALA A 449 19.13 -6.72 21.39
C ALA A 449 19.67 -6.96 19.98
N THR A 450 19.60 -5.94 19.11
CA THR A 450 20.17 -6.08 17.78
C THR A 450 21.69 -6.20 17.84
N PHE A 451 22.33 -5.52 18.79
CA PHE A 451 23.78 -5.58 18.91
C PHE A 451 24.25 -7.00 19.23
N ARG A 452 23.55 -7.68 20.14
CA ARG A 452 23.94 -9.03 20.53
C ARG A 452 23.80 -10.01 19.37
N GLN A 453 22.73 -9.88 18.58
CA GLN A 453 22.53 -10.76 17.44
C GLN A 453 23.52 -10.49 16.31
N ILE A 454 24.22 -9.36 16.34
CA ILE A 454 25.27 -9.09 15.36
C ILE A 454 26.60 -9.68 15.82
N LEU A 455 26.95 -9.48 17.08
CA LEU A 455 28.21 -9.99 17.64
C LEU A 455 28.04 -11.45 18.09
N CYS A 456 27.86 -12.33 17.09
CA CYS A 456 27.69 -13.74 17.36
C CYS A 456 26.33 -14.09 17.93
N GLU B 6 -1.22 4.08 -29.09
CA GLU B 6 0.18 3.97 -28.72
C GLU B 6 0.33 3.61 -27.25
N ASP B 7 1.37 2.82 -26.94
CA ASP B 7 1.64 2.43 -25.56
C ASP B 7 2.24 3.55 -24.74
N LYS B 8 2.65 4.66 -25.37
CA LYS B 8 3.16 5.81 -24.64
C LYS B 8 2.05 6.76 -24.20
N ALA B 9 0.87 6.70 -24.82
CA ALA B 9 -0.27 7.45 -24.33
C ALA B 9 -0.98 6.74 -23.19
N ALA B 10 -0.82 5.42 -23.08
CA ALA B 10 -1.34 4.69 -21.92
C ALA B 10 -0.51 4.94 -20.67
N ALA B 11 0.80 5.20 -20.84
CA ALA B 11 1.64 5.49 -19.70
C ALA B 11 1.30 6.84 -19.07
N GLU B 12 0.82 7.79 -19.87
CA GLU B 12 0.41 9.08 -19.33
C GLU B 12 -0.87 8.96 -18.52
N ARG B 13 -1.76 8.05 -18.91
CA ARG B 13 -2.96 7.79 -18.13
C ARG B 13 -2.60 7.20 -16.77
N SER B 14 -1.61 6.31 -16.73
CA SER B 14 -1.16 5.73 -15.46
C SER B 14 -0.56 6.80 -14.56
N LYS B 15 0.24 7.71 -15.13
CA LYS B 15 0.83 8.78 -14.34
C LYS B 15 -0.18 9.83 -13.91
N GLU B 16 -1.29 9.95 -14.63
CA GLU B 16 -2.36 10.85 -14.19
C GLU B 16 -3.12 10.27 -13.01
N ILE B 17 -3.22 8.93 -12.94
CA ILE B 17 -3.85 8.29 -11.80
C ILE B 17 -2.97 8.44 -10.55
N ASP B 18 -1.66 8.31 -10.72
CA ASP B 18 -0.75 8.47 -9.58
C ASP B 18 -0.84 9.86 -8.98
N LYS B 19 -1.12 10.88 -9.79
CA LYS B 19 -1.30 12.22 -9.24
C LYS B 19 -2.53 12.33 -8.38
N CYS B 20 -3.60 11.60 -8.73
CA CYS B 20 -4.81 11.62 -7.91
C CYS B 20 -4.61 10.80 -6.63
N LEU B 21 -3.89 9.69 -6.74
CA LEU B 21 -3.60 8.88 -5.55
C LEU B 21 -2.71 9.63 -4.57
N SER B 22 -1.71 10.35 -5.08
CA SER B 22 -0.79 11.10 -4.21
C SER B 22 -1.47 12.27 -3.53
N ARG B 23 -2.57 12.78 -4.08
CA ARG B 23 -3.30 13.86 -3.43
C ARG B 23 -4.06 13.41 -2.21
N GLU B 24 -4.30 12.10 -2.07
CA GLU B 24 -4.96 11.54 -0.91
C GLU B 24 -3.99 11.03 0.15
N LYS B 25 -2.70 10.89 -0.20
CA LYS B 25 -1.72 10.41 0.77
C LYS B 25 -1.56 11.38 1.93
N THR B 26 -1.64 12.69 1.67
CA THR B 26 -1.55 13.66 2.74
C THR B 26 -2.72 13.54 3.71
N TYR B 27 -3.92 13.30 3.19
CA TYR B 27 -5.10 13.19 4.05
C TYR B 27 -5.00 11.98 4.97
N VAL B 28 -4.56 10.83 4.45
CA VAL B 28 -4.52 9.61 5.24
C VAL B 28 -3.36 9.57 6.22
N LYS B 29 -2.37 10.45 6.08
CA LYS B 29 -1.25 10.49 7.00
C LYS B 29 -1.59 11.24 8.29
N ARG B 30 -2.69 11.99 8.31
CA ARG B 30 -3.12 12.73 9.49
C ARG B 30 -4.50 12.29 9.97
N LEU B 31 -4.92 11.09 9.62
CA LEU B 31 -6.27 10.62 9.91
C LEU B 31 -6.29 9.86 11.24
N VAL B 32 -7.30 10.16 12.06
CA VAL B 32 -7.47 9.53 13.36
C VAL B 32 -8.79 8.77 13.33
N LYS B 33 -8.74 7.48 13.61
CA LYS B 33 -9.91 6.61 13.60
C LYS B 33 -10.28 6.25 15.03
N ILE B 34 -11.57 6.40 15.36
CA ILE B 34 -12.09 6.07 16.68
C ILE B 34 -13.19 5.04 16.52
N LEU B 35 -13.11 3.95 17.27
CA LEU B 35 -14.10 2.89 17.23
C LEU B 35 -15.09 3.11 18.36
N LEU B 36 -16.38 3.20 18.02
CA LEU B 36 -17.43 3.54 18.97
C LEU B 36 -18.21 2.29 19.33
N LEU B 37 -18.38 2.06 20.62
CA LEU B 37 -19.13 0.92 21.13
C LEU B 37 -20.11 1.39 22.19
N GLY B 38 -21.17 0.60 22.40
CA GLY B 38 -22.19 0.97 23.37
C GLY B 38 -23.29 -0.07 23.40
N ALA B 39 -24.52 0.43 23.58
CA ALA B 39 -25.70 -0.42 23.64
C ALA B 39 -26.90 0.40 23.20
N ASP B 40 -28.10 -0.18 23.35
CA ASP B 40 -29.32 0.52 22.94
C ASP B 40 -29.67 1.64 23.91
N ASN B 41 -29.51 1.40 25.21
CA ASN B 41 -29.82 2.39 26.23
C ASN B 41 -28.65 3.34 26.49
N SER B 42 -27.48 3.06 25.93
CA SER B 42 -26.31 3.88 26.21
C SER B 42 -26.50 5.33 25.78
N GLY B 43 -27.10 5.53 24.61
CA GLY B 43 -27.32 6.87 24.10
C GLY B 43 -26.48 7.18 22.88
N LYS B 44 -26.14 6.13 22.12
CA LYS B 44 -25.32 6.31 20.93
C LYS B 44 -26.02 7.14 19.87
N SER B 45 -27.35 7.08 19.81
CA SER B 45 -28.09 7.84 18.82
C SER B 45 -28.04 9.34 19.13
N THR B 46 -28.28 9.71 20.39
CA THR B 46 -28.26 11.12 20.76
C THR B 46 -26.85 11.68 20.76
N PHE B 47 -25.85 10.86 21.09
CA PHE B 47 -24.47 11.33 21.09
C PHE B 47 -24.04 11.75 19.68
N LEU B 48 -24.38 10.95 18.67
CA LEU B 48 -24.04 11.29 17.30
C LEU B 48 -24.91 12.41 16.73
N LYS B 49 -26.11 12.61 17.29
CA LYS B 49 -26.95 13.70 16.84
C LYS B 49 -26.31 15.06 17.13
N GLN B 50 -25.52 15.14 18.20
CA GLN B 50 -24.83 16.38 18.54
C GLN B 50 -23.51 16.55 17.80
N MET B 51 -23.11 15.56 16.99
CA MET B 51 -21.92 15.68 16.16
C MET B 51 -22.32 16.15 14.77
N ARG B 52 -21.80 17.31 14.36
CA ARG B 52 -22.17 17.93 13.09
C ARG B 52 -21.29 17.34 11.98
N ILE B 53 -21.73 16.19 11.48
CA ILE B 53 -21.01 15.49 10.43
C ILE B 53 -21.19 16.20 9.09
N LYS B 65 -27.16 -1.10 7.21
CA LYS B 65 -26.70 -2.42 6.79
C LYS B 65 -25.20 -2.58 6.97
N GLY B 66 -24.75 -2.60 8.23
CA GLY B 66 -23.34 -2.78 8.56
C GLY B 66 -22.82 -1.64 9.40
N ILE B 67 -21.62 -1.17 9.07
CA ILE B 67 -20.91 -0.15 9.82
C ILE B 67 -21.26 1.22 9.25
N HIS B 68 -21.42 2.20 10.14
CA HIS B 68 -21.75 3.58 9.76
C HIS B 68 -20.56 4.47 10.15
N GLU B 69 -19.62 4.63 9.22
CA GLU B 69 -18.48 5.51 9.46
C GLU B 69 -18.88 6.96 9.26
N TYR B 70 -18.46 7.80 10.21
CA TYR B 70 -18.82 9.22 10.23
C TYR B 70 -17.54 10.05 10.13
N ASP B 71 -17.17 10.39 8.89
CA ASP B 71 -16.00 11.22 8.66
C ASP B 71 -16.31 12.69 8.96
N PHE B 72 -15.43 13.32 9.73
CA PHE B 72 -15.57 14.74 10.07
C PHE B 72 -14.19 15.27 10.44
N GLU B 73 -14.15 16.49 10.97
CA GLU B 73 -12.87 17.16 11.22
C GLU B 73 -12.99 18.04 12.47
N ILE B 74 -11.95 17.99 13.30
CA ILE B 74 -11.85 18.85 14.48
C ILE B 74 -10.48 19.51 14.46
N LYS B 75 -10.45 20.84 14.52
CA LYS B 75 -9.22 21.62 14.59
C LYS B 75 -8.25 21.25 13.47
N ASN B 76 -8.79 21.15 12.25
CA ASN B 76 -8.02 20.82 11.05
C ASN B 76 -7.37 19.44 11.10
N VAL B 77 -7.86 18.57 11.96
CA VAL B 77 -7.39 17.19 12.05
C VAL B 77 -8.52 16.28 11.56
N PRO B 78 -8.30 15.49 10.52
CA PRO B 78 -9.35 14.56 10.06
C PRO B 78 -9.69 13.53 11.13
N PHE B 79 -10.99 13.22 11.23
CA PHE B 79 -11.49 12.24 12.18
C PHE B 79 -12.45 11.30 11.48
N LYS B 80 -12.67 10.13 12.08
CA LYS B 80 -13.57 9.14 11.52
C LYS B 80 -14.03 8.21 12.63
N MET B 81 -15.33 8.19 12.89
CA MET B 81 -15.92 7.34 13.92
C MET B 81 -16.48 6.09 13.26
N VAL B 82 -15.85 4.94 13.53
CA VAL B 82 -16.28 3.66 12.96
C VAL B 82 -17.33 3.11 13.92
N ASP B 83 -18.58 3.48 13.68
CA ASP B 83 -19.68 3.13 14.57
C ASP B 83 -20.35 1.85 14.10
N VAL B 84 -19.86 0.71 14.61
CA VAL B 84 -20.56 -0.54 14.41
C VAL B 84 -21.83 -0.55 15.26
N GLY B 85 -22.84 -1.28 14.79
CA GLY B 85 -24.09 -1.39 15.52
C GLY B 85 -24.08 -2.57 16.46
N GLY B 86 -25.01 -3.50 16.25
CA GLY B 86 -25.01 -4.75 17.00
C GLY B 86 -24.04 -5.78 16.49
N GLN B 87 -23.34 -5.47 15.39
CA GLN B 87 -22.39 -6.40 14.80
C GLN B 87 -21.14 -6.59 15.66
N ARG B 88 -20.93 -5.73 16.67
CA ARG B 88 -19.73 -5.81 17.50
C ARG B 88 -19.65 -7.09 18.32
N SER B 89 -20.75 -7.85 18.44
CA SER B 89 -20.72 -9.11 19.16
C SER B 89 -19.92 -10.18 18.44
N GLU B 90 -19.54 -9.96 17.19
CA GLU B 90 -18.77 -10.94 16.43
C GLU B 90 -17.41 -11.12 17.09
N ARG B 91 -16.98 -12.38 17.21
CA ARG B 91 -15.85 -12.78 18.04
C ARG B 91 -14.85 -13.63 17.25
N LYS B 92 -14.53 -13.21 16.03
CA LYS B 92 -13.52 -13.86 15.22
C LYS B 92 -12.36 -12.91 14.94
N ARG B 93 -11.19 -13.49 14.69
CA ARG B 93 -10.01 -12.69 14.38
C ARG B 93 -10.17 -11.92 13.07
N TRP B 94 -11.01 -12.43 12.16
CA TRP B 94 -11.25 -11.72 10.92
C TRP B 94 -11.95 -10.38 11.17
N PHE B 95 -12.89 -10.36 12.11
CA PHE B 95 -13.62 -9.12 12.40
C PHE B 95 -12.72 -8.03 12.95
N GLU B 96 -11.54 -8.39 13.47
CA GLU B 96 -10.61 -7.40 14.02
C GLU B 96 -9.78 -6.79 12.89
N CYS B 97 -10.47 -6.07 12.01
CA CYS B 97 -9.82 -5.21 11.02
C CYS B 97 -9.47 -3.85 11.60
N PHE B 98 -9.85 -3.58 12.84
CA PHE B 98 -9.65 -2.29 13.48
C PHE B 98 -8.34 -2.20 14.26
N ASP B 99 -7.34 -2.99 13.88
CA ASP B 99 -6.06 -2.95 14.58
C ASP B 99 -5.26 -1.70 14.30
N SER B 100 -5.70 -0.88 13.35
CA SER B 100 -5.02 0.37 13.01
C SER B 100 -5.67 1.59 13.66
N VAL B 101 -6.71 1.40 14.47
CA VAL B 101 -7.35 2.55 15.12
C VAL B 101 -6.46 3.05 16.25
N THR B 102 -6.69 4.31 16.65
CA THR B 102 -5.89 4.94 17.67
C THR B 102 -6.56 4.94 19.05
N SER B 103 -7.88 4.83 19.11
CA SER B 103 -8.58 4.87 20.39
C SER B 103 -9.91 4.16 20.25
N ILE B 104 -10.51 3.83 21.39
CA ILE B 104 -11.81 3.17 21.45
C ILE B 104 -12.69 3.97 22.40
N LEU B 105 -13.88 4.35 21.92
CA LEU B 105 -14.84 5.11 22.72
C LEU B 105 -15.95 4.18 23.16
N PHE B 106 -16.24 4.20 24.46
CA PHE B 106 -17.22 3.30 25.07
C PHE B 106 -18.29 4.11 25.78
N LEU B 107 -19.54 3.86 25.46
CA LEU B 107 -20.68 4.54 26.07
C LEU B 107 -21.36 3.60 27.05
N VAL B 108 -21.58 4.07 28.28
CA VAL B 108 -22.15 3.26 29.34
C VAL B 108 -23.25 4.06 30.04
N ASP B 109 -24.35 3.39 30.36
CA ASP B 109 -25.46 4.00 31.08
C ASP B 109 -25.22 3.86 32.57
N SER B 110 -25.00 4.98 33.26
CA SER B 110 -24.77 4.95 34.70
C SER B 110 -26.06 4.75 35.48
N SER B 111 -27.19 5.24 34.96
CA SER B 111 -28.45 5.14 35.69
C SER B 111 -28.92 3.69 35.82
N ASP B 112 -28.75 2.91 34.76
CA ASP B 112 -29.25 1.54 34.74
C ASP B 112 -28.38 0.63 35.61
N PHE B 113 -28.69 0.57 36.90
CA PHE B 113 -27.91 -0.27 37.81
C PHE B 113 -28.04 -1.74 37.50
N ASN B 114 -29.22 -2.17 37.04
CA ASN B 114 -29.44 -3.59 36.76
C ASN B 114 -28.54 -4.09 35.64
N ARG B 115 -28.39 -3.31 34.57
CA ARG B 115 -27.62 -3.73 33.41
C ARG B 115 -26.15 -3.35 33.51
N LEU B 116 -25.72 -2.71 34.61
CA LEU B 116 -24.31 -2.39 34.76
C LEU B 116 -23.45 -3.65 34.79
N THR B 117 -23.93 -4.70 35.47
CA THR B 117 -23.20 -5.97 35.45
C THR B 117 -23.12 -6.53 34.04
N GLU B 118 -24.21 -6.42 33.28
CA GLU B 118 -24.19 -6.84 31.88
C GLU B 118 -23.22 -5.98 31.07
N SER B 119 -23.23 -4.66 31.30
CA SER B 119 -22.35 -3.76 30.58
C SER B 119 -20.90 -3.87 31.03
N LEU B 120 -20.63 -4.57 32.13
CA LEU B 120 -19.27 -4.77 32.62
C LEU B 120 -18.59 -5.98 32.00
N ASN B 121 -19.32 -6.84 31.28
CA ASN B 121 -18.72 -8.03 30.69
C ASN B 121 -18.21 -7.77 29.28
N ASP B 122 -19.03 -7.15 28.42
CA ASP B 122 -18.59 -6.86 27.06
C ASP B 122 -17.40 -5.92 27.04
N PHE B 123 -17.28 -5.06 28.06
CA PHE B 123 -16.08 -4.25 28.20
C PHE B 123 -14.86 -5.14 28.45
N GLU B 124 -15.03 -6.18 29.27
CA GLU B 124 -13.90 -7.06 29.60
C GLU B 124 -13.41 -7.82 28.37
N THR B 125 -14.34 -8.30 27.53
CA THR B 125 -13.94 -9.12 26.39
C THR B 125 -13.21 -8.31 25.32
N ILE B 126 -13.58 -7.04 25.13
CA ILE B 126 -13.01 -6.25 24.04
C ILE B 126 -11.63 -5.72 24.42
N VAL B 127 -11.52 -5.07 25.58
CA VAL B 127 -10.28 -4.40 25.95
C VAL B 127 -9.15 -5.39 26.25
N ASN B 128 -9.47 -6.65 26.52
CA ASN B 128 -8.46 -7.68 26.78
C ASN B 128 -8.08 -8.45 25.53
N ASN B 129 -8.58 -8.06 24.36
CA ASN B 129 -8.23 -8.74 23.12
C ASN B 129 -6.76 -8.53 22.79
N ARG B 130 -6.16 -9.53 22.16
CA ARG B 130 -4.77 -9.43 21.74
C ARG B 130 -4.57 -8.51 20.55
N VAL B 131 -5.66 -8.11 19.88
CA VAL B 131 -5.57 -7.19 18.75
C VAL B 131 -5.58 -5.74 19.20
N PHE B 132 -6.45 -5.41 20.16
CA PHE B 132 -6.61 -4.04 20.63
C PHE B 132 -5.54 -3.61 21.62
N SER B 133 -4.41 -4.32 21.68
CA SER B 133 -3.25 -3.81 22.40
C SER B 133 -2.67 -2.63 21.63
N ASN B 134 -1.95 -1.77 22.36
CA ASN B 134 -1.45 -0.50 21.82
C ASN B 134 -2.59 0.40 21.34
N VAL B 135 -3.73 0.32 22.01
CA VAL B 135 -4.89 1.14 21.71
C VAL B 135 -5.44 1.67 23.03
N SER B 136 -5.70 2.98 23.08
CA SER B 136 -6.19 3.60 24.30
C SER B 136 -7.71 3.49 24.38
N ILE B 137 -8.25 3.72 25.58
CA ILE B 137 -9.67 3.56 25.86
C ILE B 137 -10.21 4.87 26.42
N ILE B 138 -11.41 5.24 25.98
CA ILE B 138 -12.13 6.39 26.50
C ILE B 138 -13.48 5.90 27.00
N LEU B 139 -13.88 6.37 28.18
CA LEU B 139 -15.11 5.94 28.83
C LEU B 139 -16.01 7.14 29.06
N PHE B 140 -17.28 7.01 28.65
CA PHE B 140 -18.26 8.08 28.76
C PHE B 140 -19.44 7.56 29.57
N LEU B 141 -19.46 7.87 30.86
CA LEU B 141 -20.59 7.49 31.73
C LEU B 141 -21.76 8.39 31.42
N ASN B 142 -22.64 7.94 30.53
CA ASN B 142 -23.72 8.78 30.04
C ASN B 142 -24.82 8.95 31.10
N LYS B 143 -25.62 10.01 30.91
CA LYS B 143 -26.78 10.30 31.74
C LYS B 143 -26.41 10.37 33.23
N THR B 144 -25.50 11.30 33.52
CA THR B 144 -25.09 11.50 34.91
C THR B 144 -26.16 12.18 35.74
N ASP B 145 -27.00 13.03 35.12
CA ASP B 145 -28.09 13.67 35.85
C ASP B 145 -29.10 12.63 36.33
N LEU B 146 -29.40 11.64 35.49
CA LEU B 146 -30.29 10.57 35.92
C LEU B 146 -29.68 9.77 37.07
N LEU B 147 -28.36 9.61 37.08
CA LEU B 147 -27.70 8.95 38.20
C LEU B 147 -27.87 9.75 39.48
N GLU B 148 -27.79 11.08 39.39
CA GLU B 148 -27.96 11.92 40.57
C GLU B 148 -29.36 11.75 41.16
N GLU B 149 -30.38 11.66 40.30
CA GLU B 149 -31.73 11.44 40.78
C GLU B 149 -31.92 10.00 41.27
N LYS B 150 -31.32 9.03 40.56
CA LYS B 150 -31.47 7.64 40.95
C LYS B 150 -30.87 7.37 42.32
N VAL B 151 -29.68 7.91 42.59
CA VAL B 151 -29.07 7.80 43.90
C VAL B 151 -29.79 8.79 44.82
N GLN B 152 -29.56 8.67 46.13
CA GLN B 152 -30.20 9.45 47.19
C GLN B 152 -31.64 9.01 47.41
N ILE B 153 -32.16 8.15 46.53
CA ILE B 153 -33.43 7.49 46.76
C ILE B 153 -33.37 5.98 46.57
N VAL B 154 -32.41 5.46 45.81
CA VAL B 154 -32.27 4.03 45.58
C VAL B 154 -30.82 3.65 45.85
N SER B 155 -30.61 2.64 46.70
CA SER B 155 -29.27 2.22 47.05
C SER B 155 -28.65 1.37 45.95
N ILE B 156 -27.32 1.38 45.90
CA ILE B 156 -26.56 0.54 44.98
C ILE B 156 -26.08 -0.74 45.65
N LYS B 157 -26.11 -0.82 46.99
CA LYS B 157 -25.70 -2.05 47.66
C LYS B 157 -26.64 -3.20 47.35
N ASP B 158 -27.90 -2.90 47.04
CA ASP B 158 -28.84 -3.95 46.65
C ASP B 158 -28.57 -4.49 45.26
N TYR B 159 -27.71 -3.83 44.48
CA TYR B 159 -27.36 -4.28 43.14
C TYR B 159 -25.92 -4.77 43.01
N PHE B 160 -25.01 -4.24 43.83
CA PHE B 160 -23.60 -4.60 43.77
C PHE B 160 -23.08 -4.91 45.16
N LEU B 161 -22.06 -5.74 45.22
CA LEU B 161 -21.38 -6.10 46.47
C LEU B 161 -19.98 -5.50 46.47
N GLU B 162 -19.30 -5.67 47.60
CA GLU B 162 -17.94 -5.15 47.79
C GLU B 162 -17.89 -3.63 47.61
N PHE B 163 -18.97 -2.96 48.03
CA PHE B 163 -19.06 -1.50 47.97
C PHE B 163 -18.99 -0.98 49.41
N GLU B 164 -17.82 -0.47 49.80
CA GLU B 164 -17.59 -0.01 51.16
C GLU B 164 -17.95 1.45 51.37
N GLY B 165 -18.28 2.19 50.31
CA GLY B 165 -18.58 3.60 50.42
C GLY B 165 -20.03 3.85 50.82
N ASP B 166 -20.36 5.13 50.94
CA ASP B 166 -21.72 5.54 51.28
C ASP B 166 -22.61 5.45 50.05
N PRO B 167 -23.75 4.77 50.12
CA PRO B 167 -24.64 4.66 48.97
C PRO B 167 -25.51 5.88 48.70
N HIS B 168 -25.30 6.98 49.43
CA HIS B 168 -26.07 8.20 49.24
C HIS B 168 -25.16 9.40 48.93
N CYS B 169 -24.00 9.13 48.35
CA CYS B 169 -23.07 10.18 47.93
C CYS B 169 -22.73 9.97 46.46
N LEU B 170 -22.93 11.00 45.64
CA LEU B 170 -22.64 10.89 44.22
C LEU B 170 -21.15 10.67 43.98
N ARG B 171 -20.30 11.39 44.71
CA ARG B 171 -18.86 11.22 44.52
C ARG B 171 -18.38 9.86 44.99
N ASP B 172 -19.06 9.26 45.98
CA ASP B 172 -18.66 7.94 46.44
C ASP B 172 -19.06 6.85 45.43
N VAL B 173 -20.27 6.96 44.88
CA VAL B 173 -20.71 5.98 43.89
C VAL B 173 -19.93 6.12 42.59
N GLN B 174 -19.70 7.37 42.15
CA GLN B 174 -18.96 7.58 40.92
C GLN B 174 -17.54 7.06 41.03
N LYS B 175 -16.89 7.27 42.18
CA LYS B 175 -15.54 6.75 42.38
C LYS B 175 -15.51 5.23 42.44
N PHE B 176 -16.67 4.58 42.62
CA PHE B 176 -16.76 3.13 42.64
C PHE B 176 -17.06 2.56 41.26
N LEU B 177 -17.91 3.24 40.49
CA LEU B 177 -18.26 2.73 39.16
C LEU B 177 -17.06 2.70 38.24
N VAL B 178 -16.21 3.74 38.28
CA VAL B 178 -15.04 3.78 37.40
C VAL B 178 -14.04 2.69 37.79
N GLU B 179 -13.90 2.43 39.09
CA GLU B 179 -12.95 1.41 39.54
C GLU B 179 -13.37 0.02 39.08
N CYS B 180 -14.67 -0.23 38.98
CA CYS B 180 -15.15 -1.51 38.47
C CYS B 180 -14.70 -1.74 37.04
N PHE B 181 -14.72 -0.66 36.23
CA PHE B 181 -14.27 -0.78 34.85
C PHE B 181 -12.75 -0.92 34.76
N ARG B 182 -12.02 -0.19 35.61
CA ARG B 182 -10.57 -0.15 35.53
C ARG B 182 -9.91 -1.45 36.01
N ASN B 183 -10.63 -2.29 36.75
CA ASN B 183 -10.07 -3.51 37.31
C ASN B 183 -10.23 -4.72 36.40
N LYS B 184 -10.78 -4.54 35.20
CA LYS B 184 -10.99 -5.64 34.26
C LYS B 184 -10.00 -5.61 33.10
N ARG B 185 -8.76 -5.22 33.39
CA ARG B 185 -7.71 -5.17 32.38
C ARG B 185 -6.50 -5.94 32.89
N ARG B 186 -6.07 -6.95 32.12
CA ARG B 186 -4.87 -7.71 32.43
C ARG B 186 -3.64 -7.20 31.69
N ASP B 187 -3.79 -6.13 30.91
CA ASP B 187 -2.69 -5.52 30.14
C ASP B 187 -2.65 -4.03 30.39
N GLN B 188 -2.71 -3.66 31.68
CA GLN B 188 -2.82 -2.25 32.06
C GLN B 188 -1.59 -1.45 31.62
N GLN B 189 -0.40 -1.98 31.90
CA GLN B 189 0.82 -1.18 31.77
C GLN B 189 1.32 -1.14 30.33
N GLN B 190 0.45 -0.80 29.38
CA GLN B 190 0.89 -0.58 28.01
C GLN B 190 0.29 0.70 27.44
N LYS B 191 -0.90 1.06 27.91
CA LYS B 191 -1.65 2.20 27.38
C LYS B 191 -2.60 2.69 28.47
N PRO B 192 -3.04 3.94 28.41
CA PRO B 192 -3.89 4.48 29.47
C PRO B 192 -5.38 4.27 29.19
N LEU B 193 -6.19 4.63 30.18
CA LEU B 193 -7.64 4.54 30.10
C LEU B 193 -8.22 5.83 30.65
N TYR B 194 -8.87 6.60 29.79
CA TYR B 194 -9.50 7.86 30.18
C TYR B 194 -10.99 7.64 30.45
N HIS B 195 -11.52 8.40 31.39
CA HIS B 195 -12.92 8.31 31.75
C HIS B 195 -13.51 9.70 31.91
N HIS B 196 -14.75 9.88 31.47
CA HIS B 196 -15.47 11.13 31.61
C HIS B 196 -16.91 10.85 31.99
N PHE B 197 -17.46 11.69 32.87
CA PHE B 197 -18.86 11.58 33.28
C PHE B 197 -19.68 12.56 32.45
N THR B 198 -19.91 12.19 31.19
CA THR B 198 -20.55 13.07 30.24
C THR B 198 -22.08 12.99 30.36
N THR B 199 -22.74 13.84 29.58
CA THR B 199 -24.19 13.99 29.58
C THR B 199 -24.61 14.38 28.17
N ALA B 200 -25.80 14.95 28.03
CA ALA B 200 -26.26 15.46 26.74
C ALA B 200 -25.79 16.90 26.57
N ILE B 201 -24.64 17.22 27.16
CA ILE B 201 -24.08 18.57 27.16
C ILE B 201 -23.96 19.13 25.75
N ASN B 202 -23.69 18.28 24.76
CA ASN B 202 -23.74 18.57 23.32
C ASN B 202 -22.56 19.44 22.88
N THR B 203 -21.75 19.97 23.79
CA THR B 203 -20.70 20.91 23.43
C THR B 203 -19.30 20.37 23.67
N GLU B 204 -18.99 19.93 24.89
CA GLU B 204 -17.64 19.49 25.23
C GLU B 204 -17.32 18.08 24.77
N ASN B 205 -18.31 17.33 24.27
CA ASN B 205 -18.07 15.93 23.91
C ASN B 205 -17.04 15.80 22.81
N ALA B 206 -17.02 16.74 21.86
CA ALA B 206 -16.03 16.71 20.80
C ALA B 206 -14.65 17.14 21.28
N ARG B 207 -14.60 18.08 22.22
CA ARG B 207 -13.33 18.58 22.72
C ARG B 207 -12.67 17.61 23.70
N LEU B 208 -13.47 16.87 24.48
CA LEU B 208 -12.90 15.91 25.41
C LEU B 208 -12.21 14.76 24.68
N ILE B 209 -12.80 14.30 23.58
CA ILE B 209 -12.16 13.26 22.78
C ILE B 209 -10.89 13.78 22.13
N PHE B 210 -10.85 15.07 21.80
CA PHE B 210 -9.68 15.63 21.13
C PHE B 210 -8.46 15.61 22.05
N ARG B 211 -8.63 15.94 23.33
CA ARG B 211 -7.50 15.93 24.25
C ARG B 211 -7.00 14.51 24.49
N ASP B 212 -7.92 13.54 24.60
CA ASP B 212 -7.52 12.17 24.90
C ASP B 212 -6.71 11.56 23.76
N VAL B 213 -7.08 11.88 22.51
CA VAL B 213 -6.30 11.37 21.39
C VAL B 213 -5.05 12.21 21.12
N LYS B 214 -5.01 13.45 21.62
CA LYS B 214 -3.80 14.25 21.50
C LYS B 214 -2.69 13.71 22.38
N ASP B 215 -3.02 13.35 23.63
CA ASP B 215 -2.03 12.81 24.55
C ASP B 215 -1.72 11.34 24.28
N THR B 216 -2.60 10.64 23.56
CA THR B 216 -2.28 9.29 23.11
C THR B 216 -1.16 9.31 22.08
N ILE B 217 -1.22 10.26 21.13
CA ILE B 217 -0.17 10.39 20.13
C ILE B 217 1.11 10.91 20.77
N LEU B 218 0.99 11.85 21.71
CA LEU B 218 2.17 12.41 22.37
C LEU B 218 2.95 11.35 23.11
N HIS B 219 2.25 10.41 23.76
CA HIS B 219 2.92 9.32 24.45
C HIS B 219 3.31 8.18 23.53
N ASP B 220 2.96 8.26 22.24
CA ASP B 220 3.59 7.38 21.26
C ASP B 220 4.85 8.00 20.67
N ASN B 221 4.88 9.32 20.54
CA ASN B 221 6.07 10.00 20.04
C ASN B 221 7.22 9.92 21.05
N LEU B 222 6.92 10.01 22.34
CA LEU B 222 7.96 10.04 23.35
C LEU B 222 8.78 8.75 23.39
N LYS B 223 8.14 7.59 23.16
CA LYS B 223 8.90 6.35 23.05
C LYS B 223 9.57 6.18 21.70
N GLN B 224 8.94 6.65 20.62
CA GLN B 224 9.52 6.46 19.30
C GLN B 224 10.76 7.31 19.10
N LEU B 225 10.83 8.48 19.73
CA LEU B 225 11.98 9.36 19.63
C LEU B 225 13.10 8.97 20.58
N MET B 226 12.92 7.92 21.38
CA MET B 226 13.85 7.53 22.44
C MET B 226 14.02 8.64 23.48
N LEU B 227 13.02 9.50 23.62
CA LEU B 227 13.03 10.59 24.58
C LEU B 227 12.54 10.15 25.95
N GLN B 228 12.13 8.89 26.09
CA GLN B 228 11.61 8.39 27.36
C GLN B 228 11.55 6.87 27.35
N SER C 18 -39.18 -39.78 24.40
CA SER C 18 -38.69 -38.63 23.65
C SER C 18 -38.10 -39.07 22.31
N GLU C 19 -37.72 -38.09 21.48
CA GLU C 19 -37.11 -38.38 20.20
C GLU C 19 -35.76 -37.72 19.99
N LEU C 20 -35.46 -36.63 20.71
CA LEU C 20 -34.16 -35.98 20.56
C LEU C 20 -33.03 -36.91 20.98
N ASP C 21 -33.26 -37.70 22.04
CA ASP C 21 -32.26 -38.68 22.46
C ASP C 21 -32.04 -39.73 21.38
N GLN C 22 -33.12 -40.19 20.74
CA GLN C 22 -32.98 -41.14 19.64
C GLN C 22 -32.25 -40.52 18.46
N LEU C 23 -32.56 -39.26 18.14
CA LEU C 23 -31.86 -38.58 17.05
C LEU C 23 -30.38 -38.42 17.36
N ARG C 24 -30.06 -38.08 18.61
CA ARG C 24 -28.65 -38.03 19.02
C ARG C 24 -28.00 -39.40 18.91
N GLN C 25 -28.72 -40.46 19.32
CA GLN C 25 -28.20 -41.81 19.15
C GLN C 25 -28.07 -42.16 17.67
N GLU C 26 -29.04 -41.76 16.86
CA GLU C 26 -28.96 -42.01 15.42
C GLU C 26 -27.77 -41.29 14.80
N ALA C 27 -27.55 -40.04 15.20
CA ALA C 27 -26.39 -39.30 14.71
C ALA C 27 -25.09 -39.92 15.19
N GLU C 28 -25.10 -40.52 16.38
CA GLU C 28 -23.90 -41.17 16.89
C GLU C 28 -23.49 -42.36 16.03
N GLN C 29 -24.45 -43.17 15.61
CA GLN C 29 -24.15 -44.38 14.85
C GLN C 29 -23.98 -44.12 13.35
N LEU C 30 -24.55 -43.03 12.83
CA LEU C 30 -24.27 -42.67 11.44
C LEU C 30 -22.80 -42.33 11.25
N LYS C 31 -22.21 -41.57 12.18
CA LYS C 31 -20.80 -41.19 12.06
C LYS C 31 -19.88 -42.40 12.14
N ASN C 32 -20.26 -43.42 12.93
CA ASN C 32 -19.46 -44.63 13.00
C ASN C 32 -19.43 -45.36 11.67
N GLN C 33 -20.56 -45.43 10.98
CA GLN C 33 -20.60 -46.10 9.68
C GLN C 33 -19.93 -45.29 8.58
N ILE C 34 -19.93 -43.97 8.70
CA ILE C 34 -19.20 -43.13 7.74
C ILE C 34 -17.70 -43.30 7.92
N ARG C 35 -17.24 -43.31 9.17
CA ARG C 35 -15.81 -43.53 9.44
C ARG C 35 -15.38 -44.91 9.00
N ASP C 36 -16.20 -45.93 9.28
CA ASP C 36 -15.85 -47.30 8.90
C ASP C 36 -15.79 -47.46 7.38
N ALA C 37 -16.70 -46.81 6.66
CA ALA C 37 -16.64 -46.84 5.20
C ALA C 37 -15.36 -46.21 4.68
N ARG C 38 -14.95 -45.10 5.28
CA ARG C 38 -13.67 -44.48 4.91
C ARG C 38 -12.50 -45.35 5.36
N LYS C 39 -12.56 -45.89 6.59
CA LYS C 39 -11.45 -46.66 7.12
C LYS C 39 -11.20 -47.92 6.28
N ALA C 40 -12.28 -48.58 5.84
CA ALA C 40 -12.12 -49.76 5.00
C ALA C 40 -11.44 -49.43 3.69
N CYS C 41 -11.79 -48.30 3.07
CA CYS C 41 -11.16 -47.88 1.82
C CYS C 41 -9.80 -47.24 2.03
N ALA C 42 -9.44 -46.88 3.26
CA ALA C 42 -8.14 -46.26 3.55
C ALA C 42 -7.08 -47.36 3.64
N ASP C 43 -6.82 -47.99 2.49
CA ASP C 43 -5.86 -49.09 2.44
C ASP C 43 -4.42 -48.60 2.49
N ALA C 44 -4.14 -47.42 1.96
CA ALA C 44 -2.78 -46.92 1.88
C ALA C 44 -2.82 -45.39 2.02
N THR C 45 -1.71 -44.74 1.64
CA THR C 45 -1.62 -43.30 1.70
C THR C 45 -0.92 -42.79 0.45
N LEU C 46 -1.15 -41.50 0.15
CA LEU C 46 -0.52 -40.89 -1.01
C LEU C 46 1.00 -40.85 -0.87
N SER C 47 1.50 -40.75 0.36
CA SER C 47 2.95 -40.70 0.58
C SER C 47 3.63 -41.99 0.16
N GLN C 48 3.03 -43.14 0.48
CA GLN C 48 3.63 -44.42 0.14
C GLN C 48 3.76 -44.60 -1.37
N ILE C 49 2.72 -44.22 -2.11
CA ILE C 49 2.77 -44.35 -3.57
C ILE C 49 3.78 -43.37 -4.16
N THR C 50 3.90 -42.18 -3.57
CA THR C 50 4.81 -41.16 -4.05
C THR C 50 6.19 -41.24 -3.41
N ASN C 51 6.61 -42.43 -2.98
CA ASN C 51 7.93 -42.64 -2.41
C ASN C 51 8.97 -42.98 -3.47
N ASN C 52 8.61 -42.96 -4.75
CA ASN C 52 9.52 -43.33 -5.82
C ASN C 52 9.54 -42.32 -6.97
N ILE C 53 8.98 -41.12 -6.77
CA ILE C 53 8.97 -40.11 -7.81
C ILE C 53 10.11 -39.13 -7.55
N ASP C 54 10.52 -38.45 -8.62
CA ASP C 54 11.66 -37.54 -8.53
C ASP C 54 11.25 -36.24 -7.84
N PRO C 55 12.07 -35.76 -6.91
CA PRO C 55 11.78 -34.48 -6.26
C PRO C 55 11.93 -33.31 -7.22
N VAL C 56 11.19 -32.24 -6.93
CA VAL C 56 11.20 -31.07 -7.81
C VAL C 56 12.42 -30.18 -7.60
N GLY C 57 13.16 -30.36 -6.51
CA GLY C 57 14.32 -29.54 -6.25
C GLY C 57 13.96 -28.18 -5.68
N ARG C 58 14.99 -27.34 -5.56
CA ARG C 58 14.80 -26.00 -5.01
C ARG C 58 14.21 -25.07 -6.06
N ILE C 59 12.97 -24.64 -5.83
CA ILE C 59 12.35 -23.63 -6.68
C ILE C 59 12.89 -22.25 -6.33
N GLN C 60 13.36 -21.52 -7.33
CA GLN C 60 13.89 -20.18 -7.14
C GLN C 60 13.05 -19.20 -7.95
N MET C 61 12.41 -18.27 -7.26
CA MET C 61 11.60 -17.22 -7.89
C MET C 61 12.17 -15.86 -7.55
N ARG C 62 11.99 -14.92 -8.48
CA ARG C 62 12.52 -13.57 -8.33
C ARG C 62 11.40 -12.56 -8.60
N THR C 63 11.47 -11.45 -7.87
CA THR C 63 10.47 -10.38 -8.01
C THR C 63 10.69 -9.65 -9.33
N ARG C 64 9.87 -9.98 -10.33
CA ARG C 64 9.99 -9.32 -11.63
C ARG C 64 9.49 -7.89 -11.56
N ARG C 65 8.22 -7.70 -11.18
CA ARG C 65 7.62 -6.39 -11.07
C ARG C 65 7.13 -6.14 -9.65
N THR C 66 6.99 -4.87 -9.30
CA THR C 66 6.43 -4.44 -8.03
C THR C 66 5.40 -3.35 -8.30
N LEU C 67 4.17 -3.58 -7.87
CA LEU C 67 3.06 -2.67 -8.12
C LEU C 67 2.86 -1.78 -6.90
N ARG C 68 3.20 -0.50 -7.05
CA ARG C 68 3.07 0.48 -5.98
C ARG C 68 1.93 1.44 -6.29
N GLY C 69 1.33 1.97 -5.24
CA GLY C 69 0.22 2.90 -5.39
C GLY C 69 -0.89 2.74 -4.39
N HIS C 70 -1.04 1.54 -3.82
CA HIS C 70 -2.02 1.33 -2.77
C HIS C 70 -1.55 1.99 -1.47
N LEU C 71 -2.48 2.63 -0.77
CA LEU C 71 -2.16 3.42 0.40
C LEU C 71 -2.39 2.69 1.72
N ALA C 72 -2.84 1.45 1.69
CA ALA C 72 -3.15 0.72 2.93
C ALA C 72 -3.01 -0.77 2.66
N LYS C 73 -3.39 -1.57 3.67
CA LYS C 73 -3.23 -3.02 3.59
C LYS C 73 -4.06 -3.60 2.46
N ILE C 74 -3.46 -4.48 1.67
CA ILE C 74 -4.13 -5.13 0.55
C ILE C 74 -4.80 -6.39 1.08
N TYR C 75 -6.12 -6.48 0.91
CA TYR C 75 -6.91 -7.59 1.44
C TYR C 75 -7.24 -8.65 0.39
N ALA C 76 -7.46 -8.25 -0.87
CA ALA C 76 -7.85 -9.19 -1.90
C ALA C 76 -7.19 -8.82 -3.21
N MET C 77 -7.08 -9.82 -4.09
CA MET C 77 -6.53 -9.64 -5.42
C MET C 77 -6.99 -10.82 -6.28
N HIS C 78 -7.31 -10.54 -7.54
CA HIS C 78 -7.75 -11.58 -8.46
C HIS C 78 -7.12 -11.37 -9.83
N TRP C 79 -6.96 -12.47 -10.56
CA TRP C 79 -6.35 -12.46 -11.88
C TRP C 79 -7.41 -12.50 -12.97
N GLY C 80 -7.15 -11.77 -14.05
CA GLY C 80 -7.98 -11.89 -15.23
C GLY C 80 -7.65 -13.14 -16.03
N THR C 81 -8.64 -13.62 -16.79
CA THR C 81 -8.44 -14.84 -17.58
C THR C 81 -7.48 -14.62 -18.75
N ASP C 82 -7.23 -13.37 -19.13
CA ASP C 82 -6.23 -13.07 -20.15
C ASP C 82 -4.81 -13.22 -19.65
N SER C 83 -4.62 -13.43 -18.35
CA SER C 83 -3.31 -13.62 -17.71
C SER C 83 -2.44 -12.39 -17.77
N ARG C 84 -3.02 -11.22 -18.02
CA ARG C 84 -2.27 -9.98 -18.09
C ARG C 84 -2.82 -8.90 -17.18
N LEU C 85 -4.14 -8.83 -17.02
CA LEU C 85 -4.78 -7.84 -16.16
C LEU C 85 -5.05 -8.43 -14.79
N LEU C 86 -5.12 -7.55 -13.79
CA LEU C 86 -5.29 -7.97 -12.40
C LEU C 86 -5.97 -6.85 -11.63
N VAL C 87 -6.80 -7.24 -10.66
CA VAL C 87 -7.52 -6.31 -9.81
C VAL C 87 -7.09 -6.55 -8.37
N SER C 88 -7.12 -5.48 -7.57
CA SER C 88 -6.71 -5.56 -6.17
C SER C 88 -7.55 -4.61 -5.34
N ALA C 89 -7.69 -4.95 -4.06
CA ALA C 89 -8.45 -4.15 -3.10
C ALA C 89 -7.57 -3.85 -1.88
N SER C 90 -7.92 -2.77 -1.18
CA SER C 90 -7.13 -2.35 -0.03
C SER C 90 -8.03 -1.72 1.02
N GLN C 91 -7.50 -1.64 2.25
CA GLN C 91 -8.22 -1.01 3.34
C GLN C 91 -8.48 0.47 3.09
N ASP C 92 -7.69 1.10 2.22
CA ASP C 92 -7.91 2.50 1.88
C ASP C 92 -9.31 2.72 1.33
N GLY C 93 -9.83 1.77 0.56
CA GLY C 93 -11.15 1.89 -0.02
C GLY C 93 -11.09 2.23 -1.49
N LYS C 94 -10.20 1.55 -2.21
CA LYS C 94 -10.03 1.78 -3.64
C LYS C 94 -9.82 0.45 -4.35
N LEU C 95 -10.18 0.40 -5.62
CA LEU C 95 -9.99 -0.77 -6.46
C LEU C 95 -9.17 -0.36 -7.67
N ILE C 96 -8.06 -1.06 -7.90
CA ILE C 96 -7.12 -0.70 -8.96
C ILE C 96 -6.98 -1.88 -9.91
N ILE C 97 -7.11 -1.61 -11.21
CA ILE C 97 -6.87 -2.60 -12.24
C ILE C 97 -5.46 -2.39 -12.78
N TRP C 98 -4.64 -3.44 -12.76
CA TRP C 98 -3.23 -3.35 -13.10
C TRP C 98 -2.95 -4.02 -14.43
N ASP C 99 -1.98 -3.47 -15.15
CA ASP C 99 -1.36 -4.12 -16.30
C ASP C 99 -0.04 -4.70 -15.80
N SER C 100 -0.04 -6.02 -15.54
CA SER C 100 1.13 -6.64 -14.92
C SER C 100 2.37 -6.60 -15.80
N TYR C 101 2.21 -6.51 -17.12
CA TYR C 101 3.37 -6.49 -18.00
C TYR C 101 4.14 -5.18 -17.88
N THR C 102 3.43 -4.05 -17.93
CA THR C 102 4.07 -2.74 -17.96
C THR C 102 3.86 -1.93 -16.69
N THR C 103 3.31 -2.53 -15.64
CA THR C 103 3.03 -1.86 -14.36
C THR C 103 2.21 -0.58 -14.59
N ASN C 104 1.17 -0.69 -15.42
CA ASN C 104 0.33 0.44 -15.80
C ASN C 104 -1.02 0.32 -15.14
N LYS C 105 -1.48 1.40 -14.53
CA LYS C 105 -2.79 1.44 -13.88
C LYS C 105 -3.86 1.68 -14.94
N VAL C 106 -4.61 0.63 -15.29
CA VAL C 106 -5.67 0.77 -16.27
C VAL C 106 -6.85 1.55 -15.68
N HIS C 107 -7.25 1.21 -14.46
CA HIS C 107 -8.39 1.86 -13.82
C HIS C 107 -8.09 2.08 -12.34
N ALA C 108 -8.95 2.87 -11.71
CA ALA C 108 -8.87 3.12 -10.27
C ALA C 108 -10.29 3.42 -9.79
N ILE C 109 -10.91 2.44 -9.16
CA ILE C 109 -12.32 2.50 -8.79
C ILE C 109 -12.43 2.89 -7.31
N PRO C 110 -13.04 4.02 -6.97
CA PRO C 110 -13.25 4.35 -5.56
C PRO C 110 -14.52 3.71 -5.01
N LEU C 111 -14.43 3.10 -3.84
CA LEU C 111 -15.55 2.38 -3.24
C LEU C 111 -16.25 3.25 -2.21
N ARG C 112 -17.50 2.86 -1.90
CA ARG C 112 -18.27 3.57 -0.88
C ARG C 112 -17.79 3.23 0.53
N SER C 113 -17.43 1.96 0.75
CA SER C 113 -16.96 1.50 2.05
C SER C 113 -15.52 1.04 1.94
N SER C 114 -14.72 1.41 2.93
CA SER C 114 -13.30 1.05 2.97
C SER C 114 -13.08 -0.30 3.63
N TRP C 115 -14.12 -0.94 4.16
CA TRP C 115 -13.99 -2.25 4.80
C TRP C 115 -14.37 -3.34 3.81
N VAL C 116 -13.47 -3.56 2.85
CA VAL C 116 -13.68 -4.50 1.76
C VAL C 116 -12.68 -5.64 1.93
N MET C 117 -13.18 -6.87 2.00
CA MET C 117 -12.37 -8.03 2.30
C MET C 117 -12.25 -9.01 1.13
N THR C 118 -12.92 -8.74 0.01
CA THR C 118 -12.85 -9.65 -1.12
C THR C 118 -13.06 -8.88 -2.42
N CYS C 119 -12.61 -9.48 -3.52
CA CYS C 119 -12.77 -8.91 -4.85
C CYS C 119 -12.68 -10.03 -5.87
N ALA C 120 -13.38 -9.86 -6.99
CA ALA C 120 -13.44 -10.87 -8.02
C ALA C 120 -13.40 -10.23 -9.40
N TYR C 121 -12.98 -11.02 -10.38
CA TYR C 121 -12.89 -10.61 -11.78
C TYR C 121 -13.82 -11.48 -12.61
N ALA C 122 -14.63 -10.84 -13.45
CA ALA C 122 -15.52 -11.59 -14.32
C ALA C 122 -14.70 -12.36 -15.36
N PRO C 123 -15.09 -13.60 -15.68
CA PRO C 123 -14.33 -14.37 -16.68
C PRO C 123 -14.32 -13.70 -18.05
N SER C 124 -15.40 -13.00 -18.43
CA SER C 124 -15.41 -12.28 -19.69
C SER C 124 -14.56 -11.01 -19.62
N GLY C 125 -14.49 -10.37 -18.46
CA GLY C 125 -13.67 -9.19 -18.28
C GLY C 125 -14.44 -7.89 -18.19
N ASN C 126 -15.76 -7.92 -18.36
CA ASN C 126 -16.57 -6.70 -18.36
C ASN C 126 -16.96 -6.23 -16.97
N TYR C 127 -16.81 -7.06 -15.94
CA TYR C 127 -17.29 -6.73 -14.62
C TYR C 127 -16.25 -7.08 -13.56
N VAL C 128 -16.33 -6.38 -12.42
CA VAL C 128 -15.62 -6.73 -11.21
C VAL C 128 -16.60 -6.65 -10.04
N ALA C 129 -16.30 -7.40 -8.99
CA ALA C 129 -17.14 -7.46 -7.81
C ALA C 129 -16.29 -7.28 -6.56
N CYS C 130 -16.92 -6.77 -5.50
CA CYS C 130 -16.25 -6.57 -4.22
C CYS C 130 -17.29 -6.51 -3.12
N GLY C 131 -16.83 -6.74 -1.89
CA GLY C 131 -17.71 -6.72 -0.74
C GLY C 131 -16.89 -6.80 0.53
N GLY C 132 -17.59 -6.67 1.66
CA GLY C 132 -16.94 -6.68 2.95
C GLY C 132 -17.88 -6.55 4.12
N LEU C 133 -17.51 -5.70 5.08
CA LEU C 133 -18.30 -5.52 6.31
C LEU C 133 -19.58 -4.72 6.09
N ASP C 134 -19.91 -4.39 4.84
CA ASP C 134 -21.15 -3.72 4.51
C ASP C 134 -22.26 -4.68 4.10
N ASN C 135 -21.99 -5.99 4.14
CA ASN C 135 -22.96 -7.07 3.96
C ASN C 135 -23.51 -7.15 2.54
N ILE C 136 -22.98 -6.39 1.59
CA ILE C 136 -23.48 -6.39 0.23
C ILE C 136 -22.32 -6.59 -0.74
N CYS C 137 -22.66 -7.04 -1.95
CA CYS C 137 -21.70 -7.19 -3.04
C CYS C 137 -22.08 -6.22 -4.16
N SER C 138 -21.10 -5.47 -4.64
CA SER C 138 -21.31 -4.47 -5.67
C SER C 138 -20.64 -4.89 -6.96
N ILE C 139 -21.35 -4.75 -8.08
CA ILE C 139 -20.84 -5.13 -9.40
C ILE C 139 -20.62 -3.85 -10.20
N TYR C 140 -19.46 -3.76 -10.85
CA TYR C 140 -19.05 -2.56 -11.58
C TYR C 140 -18.92 -2.90 -13.06
N ASN C 141 -19.53 -2.06 -13.90
CA ASN C 141 -19.41 -2.21 -15.35
C ASN C 141 -18.12 -1.55 -15.82
N LEU C 142 -17.27 -2.32 -16.50
CA LEU C 142 -15.98 -1.83 -16.96
C LEU C 142 -15.99 -1.31 -18.39
N LYS C 143 -16.96 -1.72 -19.20
CA LYS C 143 -17.04 -1.31 -20.61
C LYS C 143 -18.32 -0.48 -20.79
N THR C 144 -18.19 0.82 -20.56
CA THR C 144 -19.29 1.76 -20.69
C THR C 144 -19.00 2.75 -21.81
N ARG C 145 -20.06 3.28 -22.41
CA ARG C 145 -19.91 4.27 -23.48
C ARG C 145 -19.56 5.66 -22.96
N GLU C 146 -19.65 5.87 -21.65
CA GLU C 146 -19.31 7.16 -21.06
C GLU C 146 -17.83 7.29 -20.71
N GLY C 147 -17.06 6.21 -20.82
CA GLY C 147 -15.65 6.27 -20.53
C GLY C 147 -15.27 6.18 -19.07
N ASN C 148 -16.20 5.83 -18.20
CA ASN C 148 -15.94 5.70 -16.78
C ASN C 148 -16.30 4.29 -16.31
N VAL C 149 -16.19 4.07 -15.00
CA VAL C 149 -16.58 2.82 -14.38
C VAL C 149 -17.69 3.12 -13.38
N ARG C 150 -18.82 2.45 -13.54
CA ARG C 150 -19.99 2.70 -12.71
C ARG C 150 -20.52 1.38 -12.15
N VAL C 151 -21.10 1.45 -10.96
CA VAL C 151 -21.64 0.27 -10.30
C VAL C 151 -22.93 -0.14 -11.00
N SER C 152 -23.03 -1.43 -11.33
CA SER C 152 -24.18 -1.94 -12.06
C SER C 152 -25.32 -2.36 -11.13
N ARG C 153 -25.00 -3.08 -10.06
CA ARG C 153 -26.04 -3.58 -9.16
C ARG C 153 -25.42 -3.89 -7.81
N GLU C 154 -26.18 -3.61 -6.74
CA GLU C 154 -25.82 -4.00 -5.39
C GLU C 154 -26.66 -5.19 -4.98
N LEU C 155 -26.00 -6.24 -4.50
CA LEU C 155 -26.65 -7.51 -4.16
C LEU C 155 -26.77 -7.60 -2.64
N ALA C 156 -27.96 -7.28 -2.13
CA ALA C 156 -28.26 -7.36 -0.71
C ALA C 156 -29.06 -8.63 -0.42
N GLY C 157 -28.99 -9.08 0.83
CA GLY C 157 -29.69 -10.28 1.24
C GLY C 157 -28.91 -11.14 2.22
N HIS C 158 -27.70 -10.72 2.55
CA HIS C 158 -26.89 -11.40 3.56
C HIS C 158 -26.99 -10.67 4.89
N THR C 159 -26.99 -11.45 5.98
CA THR C 159 -27.10 -10.90 7.32
C THR C 159 -25.75 -10.71 8.01
N GLY C 160 -24.68 -11.31 7.48
CA GLY C 160 -23.34 -11.11 7.98
C GLY C 160 -22.46 -10.44 6.94
N TYR C 161 -21.21 -10.21 7.34
CA TYR C 161 -20.24 -9.61 6.44
C TYR C 161 -19.90 -10.57 5.31
N LEU C 162 -19.67 -10.00 4.12
CA LEU C 162 -19.30 -10.81 2.96
C LEU C 162 -17.82 -11.15 3.02
N SER C 163 -17.50 -12.44 2.90
CA SER C 163 -16.14 -12.91 3.04
C SER C 163 -15.51 -13.41 1.75
N CYS C 164 -16.31 -13.77 0.74
CA CYS C 164 -15.77 -14.26 -0.51
C CYS C 164 -16.85 -14.17 -1.59
N CYS C 165 -16.40 -14.05 -2.83
CA CYS C 165 -17.30 -14.03 -3.98
C CYS C 165 -16.54 -14.49 -5.21
N ARG C 166 -17.21 -15.25 -6.06
CA ARG C 166 -16.59 -15.79 -7.27
C ARG C 166 -17.60 -15.78 -8.39
N PHE C 167 -17.29 -15.06 -9.47
CA PHE C 167 -18.20 -14.97 -10.61
C PHE C 167 -18.43 -16.34 -11.23
N LEU C 168 -19.70 -16.68 -11.45
CA LEU C 168 -20.03 -17.89 -12.20
C LEU C 168 -20.05 -17.60 -13.69
N ASP C 169 -20.94 -16.69 -14.11
CA ASP C 169 -21.06 -16.23 -15.49
C ASP C 169 -21.12 -14.71 -15.48
N ASP C 170 -21.45 -14.10 -16.62
CA ASP C 170 -21.69 -12.67 -16.65
C ASP C 170 -22.95 -12.27 -15.91
N ASN C 171 -23.82 -13.24 -15.58
CA ASN C 171 -25.09 -12.96 -14.91
C ASN C 171 -25.29 -13.83 -13.67
N GLN C 172 -24.22 -14.41 -13.13
CA GLN C 172 -24.33 -15.29 -11.97
C GLN C 172 -23.07 -15.17 -11.13
N ILE C 173 -23.26 -15.13 -9.80
CA ILE C 173 -22.15 -15.03 -8.86
C ILE C 173 -22.51 -15.78 -7.59
N VAL C 174 -21.50 -16.35 -6.95
CA VAL C 174 -21.65 -17.08 -5.69
C VAL C 174 -20.95 -16.30 -4.59
N THR C 175 -21.66 -16.07 -3.49
CA THR C 175 -21.13 -15.29 -2.38
C THR C 175 -21.26 -16.08 -1.08
N SER C 176 -20.23 -15.99 -0.25
CA SER C 176 -20.22 -16.57 1.08
C SER C 176 -20.10 -15.46 2.12
N SER C 177 -20.74 -15.67 3.27
CA SER C 177 -20.82 -14.64 4.29
C SER C 177 -20.52 -15.23 5.67
N GLY C 178 -20.38 -14.35 6.64
CA GLY C 178 -20.14 -14.72 8.01
C GLY C 178 -21.37 -15.10 8.80
N ASP C 179 -22.55 -15.07 8.18
CA ASP C 179 -23.79 -15.51 8.80
C ASP C 179 -24.04 -16.99 8.62
N THR C 180 -23.00 -17.76 8.32
CA THR C 180 -23.06 -19.22 8.20
C THR C 180 -24.06 -19.61 7.10
N THR C 181 -23.70 -19.25 5.86
CA THR C 181 -24.46 -19.60 4.67
C THR C 181 -23.68 -19.17 3.43
N CYS C 182 -24.05 -19.77 2.30
CA CYS C 182 -23.57 -19.36 0.99
C CYS C 182 -24.78 -19.26 0.06
N ALA C 183 -24.69 -18.35 -0.92
CA ALA C 183 -25.82 -18.04 -1.77
C ALA C 183 -25.39 -17.99 -3.24
N LEU C 184 -26.39 -18.13 -4.11
CA LEU C 184 -26.22 -18.00 -5.54
C LEU C 184 -27.21 -16.95 -6.04
N TRP C 185 -26.72 -15.99 -6.81
CA TRP C 185 -27.50 -14.82 -7.19
C TRP C 185 -27.77 -14.81 -8.69
N ASP C 186 -28.76 -14.01 -9.08
CA ASP C 186 -29.05 -13.68 -10.47
C ASP C 186 -28.86 -12.17 -10.61
N ILE C 187 -27.78 -11.77 -11.29
CA ILE C 187 -27.42 -10.36 -11.34
C ILE C 187 -28.46 -9.55 -12.09
N GLU C 188 -29.06 -10.13 -13.15
CA GLU C 188 -30.10 -9.41 -13.88
C GLU C 188 -31.31 -9.13 -12.99
N THR C 189 -31.80 -10.16 -12.29
CA THR C 189 -32.93 -9.96 -11.39
C THR C 189 -32.50 -9.25 -10.11
N GLY C 190 -31.35 -9.63 -9.55
CA GLY C 190 -30.90 -9.05 -8.30
C GLY C 190 -31.43 -9.74 -7.05
N GLN C 191 -31.96 -10.95 -7.17
CA GLN C 191 -32.54 -11.66 -6.05
C GLN C 191 -31.81 -12.99 -5.84
N GLN C 192 -31.70 -13.38 -4.57
CA GLN C 192 -31.05 -14.63 -4.20
C GLN C 192 -31.79 -15.82 -4.80
N THR C 193 -31.11 -16.57 -5.68
CA THR C 193 -31.73 -17.71 -6.32
C THR C 193 -31.68 -18.94 -5.41
N THR C 194 -30.51 -19.27 -4.88
CA THR C 194 -30.34 -20.42 -4.01
C THR C 194 -29.56 -20.01 -2.77
N THR C 195 -29.85 -20.67 -1.65
CA THR C 195 -29.15 -20.45 -0.40
C THR C 195 -28.65 -21.80 0.11
N PHE C 196 -27.36 -21.87 0.44
CA PHE C 196 -26.72 -23.10 0.88
C PHE C 196 -26.54 -23.05 2.39
N THR C 197 -27.25 -23.92 3.10
CA THR C 197 -27.21 -24.00 4.56
C THR C 197 -26.66 -25.34 4.99
N GLY C 198 -26.10 -25.37 6.21
CA GLY C 198 -25.55 -26.60 6.74
C GLY C 198 -24.30 -26.42 7.57
N HIS C 199 -23.63 -25.29 7.40
CA HIS C 199 -22.44 -25.01 8.19
C HIS C 199 -22.82 -24.65 9.63
N THR C 200 -21.79 -24.51 10.47
CA THR C 200 -21.97 -24.08 11.85
C THR C 200 -21.27 -22.76 12.13
N GLY C 201 -20.01 -22.61 11.71
CA GLY C 201 -19.28 -21.37 11.88
C GLY C 201 -19.33 -20.51 10.62
N ASP C 202 -18.72 -19.33 10.74
CA ASP C 202 -18.69 -18.39 9.63
C ASP C 202 -17.86 -18.95 8.48
N VAL C 203 -18.36 -18.80 7.25
CA VAL C 203 -17.67 -19.29 6.08
C VAL C 203 -16.61 -18.27 5.67
N MET C 204 -15.37 -18.73 5.53
CA MET C 204 -14.24 -17.85 5.23
C MET C 204 -13.72 -17.95 3.80
N SER C 205 -13.91 -19.09 3.14
CA SER C 205 -13.32 -19.30 1.83
C SER C 205 -14.37 -19.88 0.88
N LEU C 206 -13.97 -20.07 -0.37
CA LEU C 206 -14.83 -20.53 -1.46
C LEU C 206 -13.95 -20.84 -2.66
N SER C 207 -14.36 -21.82 -3.46
CA SER C 207 -13.56 -22.25 -4.60
C SER C 207 -14.47 -22.90 -5.63
N LEU C 208 -14.57 -22.27 -6.80
CA LEU C 208 -15.34 -22.83 -7.90
C LEU C 208 -14.58 -23.96 -8.57
N ALA C 209 -15.32 -25.00 -8.98
CA ALA C 209 -14.72 -26.09 -9.73
C ALA C 209 -14.39 -25.64 -11.14
N PRO C 210 -13.41 -26.29 -11.79
CA PRO C 210 -13.11 -25.94 -13.19
C PRO C 210 -14.31 -26.10 -14.11
N ASP C 211 -15.14 -27.12 -13.90
CA ASP C 211 -16.34 -27.29 -14.72
C ASP C 211 -17.43 -26.29 -14.35
N THR C 212 -17.32 -25.64 -13.19
CA THR C 212 -18.31 -24.70 -12.67
C THR C 212 -19.67 -25.40 -12.59
N ARG C 213 -19.70 -26.43 -11.75
CA ARG C 213 -20.94 -27.09 -11.36
C ARG C 213 -20.95 -27.52 -9.90
N LEU C 214 -19.81 -27.46 -9.20
CA LEU C 214 -19.72 -27.71 -7.78
C LEU C 214 -18.76 -26.70 -7.18
N PHE C 215 -18.85 -26.49 -5.87
CA PHE C 215 -17.91 -25.63 -5.19
C PHE C 215 -17.78 -26.09 -3.73
N VAL C 216 -16.74 -25.60 -3.08
CA VAL C 216 -16.40 -26.01 -1.72
C VAL C 216 -16.19 -24.75 -0.88
N SER C 217 -16.45 -24.86 0.42
CA SER C 217 -16.37 -23.74 1.33
C SER C 217 -15.78 -24.18 2.65
N GLY C 218 -14.91 -23.35 3.22
CA GLY C 218 -14.32 -23.58 4.52
C GLY C 218 -14.91 -22.61 5.54
N ALA C 219 -15.20 -23.12 6.74
CA ALA C 219 -15.83 -22.34 7.79
C ALA C 219 -15.01 -22.43 9.07
N CYS C 220 -15.33 -21.57 10.03
CA CYS C 220 -14.65 -21.57 11.31
C CYS C 220 -15.21 -22.64 12.25
N ASP C 221 -15.34 -23.87 11.73
CA ASP C 221 -15.68 -25.01 12.58
C ASP C 221 -14.87 -26.24 12.19
N ALA C 222 -13.74 -26.05 11.51
CA ALA C 222 -12.89 -27.13 11.03
C ALA C 222 -13.68 -28.12 10.17
N SER C 223 -14.42 -27.58 9.20
CA SER C 223 -15.24 -28.40 8.33
C SER C 223 -15.32 -27.77 6.95
N ALA C 224 -15.19 -28.62 5.93
CA ALA C 224 -15.32 -28.21 4.54
C ALA C 224 -16.41 -29.06 3.89
N LYS C 225 -17.31 -28.40 3.16
CA LYS C 225 -18.45 -29.06 2.56
C LYS C 225 -18.46 -28.84 1.05
N LEU C 226 -18.79 -29.89 0.31
CA LEU C 226 -18.91 -29.83 -1.14
C LEU C 226 -20.38 -29.65 -1.50
N TRP C 227 -20.68 -28.59 -2.24
CA TRP C 227 -22.04 -28.21 -2.57
C TRP C 227 -22.35 -28.51 -4.02
N ASP C 228 -23.60 -28.30 -4.40
CA ASP C 228 -24.08 -28.46 -5.76
C ASP C 228 -24.92 -27.25 -6.12
N VAL C 229 -24.45 -26.46 -7.08
CA VAL C 229 -25.13 -25.21 -7.41
C VAL C 229 -26.48 -25.47 -8.05
N ARG C 230 -26.57 -26.51 -8.89
CA ARG C 230 -27.83 -26.80 -9.58
C ARG C 230 -28.87 -27.35 -8.61
N GLU C 231 -28.45 -28.19 -7.66
CA GLU C 231 -29.39 -28.83 -6.74
C GLU C 231 -29.52 -28.12 -5.40
N GLY C 232 -28.51 -27.34 -5.00
CA GLY C 232 -28.62 -26.60 -3.76
C GLY C 232 -28.51 -27.42 -2.50
N MET C 233 -27.88 -28.60 -2.55
CA MET C 233 -27.78 -29.48 -1.41
C MET C 233 -26.33 -29.92 -1.22
N CYS C 234 -25.96 -30.16 0.03
CA CYS C 234 -24.59 -30.53 0.37
C CYS C 234 -24.33 -31.99 0.08
N ARG C 235 -23.27 -32.28 -0.66
CA ARG C 235 -22.94 -33.64 -1.06
C ARG C 235 -22.00 -34.33 -0.09
N GLN C 236 -20.98 -33.61 0.38
CA GLN C 236 -19.89 -34.23 1.12
C GLN C 236 -19.41 -33.28 2.21
N THR C 237 -18.76 -33.86 3.22
CA THR C 237 -18.21 -33.10 4.34
C THR C 237 -16.85 -33.66 4.73
N PHE C 238 -15.91 -32.77 5.01
CA PHE C 238 -14.54 -33.15 5.34
C PHE C 238 -14.13 -32.49 6.64
N THR C 239 -13.53 -33.27 7.53
CA THR C 239 -13.03 -32.80 8.81
C THR C 239 -11.60 -33.26 9.00
N GLY C 240 -10.92 -32.67 9.99
CA GLY C 240 -9.56 -33.04 10.30
C GLY C 240 -8.69 -31.88 10.73
N HIS C 241 -9.13 -30.65 10.47
CA HIS C 241 -8.40 -29.48 10.93
C HIS C 241 -8.72 -29.21 12.40
N GLU C 242 -8.07 -28.18 12.96
CA GLU C 242 -8.28 -27.79 14.34
C GLU C 242 -8.93 -26.42 14.47
N SER C 243 -8.34 -25.40 13.85
CA SER C 243 -8.83 -24.03 13.94
C SER C 243 -9.60 -23.68 12.68
N ASP C 244 -9.98 -22.41 12.55
CA ASP C 244 -10.77 -21.94 11.42
C ASP C 244 -10.01 -22.15 10.11
N ILE C 245 -10.74 -22.51 9.06
CA ILE C 245 -10.19 -22.67 7.73
C ILE C 245 -10.40 -21.36 6.99
N ASN C 246 -9.31 -20.68 6.65
CA ASN C 246 -9.36 -19.37 6.03
C ASN C 246 -8.85 -19.36 4.60
N ALA C 247 -8.54 -20.53 4.02
CA ALA C 247 -8.04 -20.60 2.66
C ALA C 247 -8.38 -21.96 2.07
N ILE C 248 -9.02 -21.96 0.90
CA ILE C 248 -9.35 -23.18 0.18
C ILE C 248 -9.08 -22.95 -1.30
N CYS C 249 -8.59 -23.99 -1.98
CA CYS C 249 -8.34 -23.94 -3.41
C CYS C 249 -8.73 -25.28 -4.00
N PHE C 250 -8.88 -25.29 -5.33
CA PHE C 250 -9.32 -26.48 -6.05
C PHE C 250 -8.19 -26.98 -6.93
N PHE C 251 -8.00 -28.30 -6.94
CA PHE C 251 -6.97 -28.90 -7.77
C PHE C 251 -7.31 -28.73 -9.24
N PRO C 252 -6.31 -28.56 -10.11
CA PRO C 252 -6.59 -28.38 -11.54
C PRO C 252 -7.43 -29.49 -12.16
N ASN C 253 -7.25 -30.73 -11.72
CA ASN C 253 -8.05 -31.82 -12.24
C ASN C 253 -9.52 -31.66 -11.89
N GLY C 254 -9.81 -30.97 -10.78
CA GLY C 254 -11.17 -30.80 -10.32
C GLY C 254 -11.71 -31.95 -9.51
N ASN C 255 -10.85 -32.87 -9.05
CA ASN C 255 -11.27 -34.00 -8.26
C ASN C 255 -10.74 -33.95 -6.83
N ALA C 256 -10.16 -32.84 -6.41
CA ALA C 256 -9.62 -32.71 -5.07
C ALA C 256 -9.55 -31.22 -4.73
N PHE C 257 -9.16 -30.94 -3.49
CA PHE C 257 -8.99 -29.57 -3.04
C PHE C 257 -8.06 -29.57 -1.83
N ALA C 258 -7.52 -28.38 -1.53
CA ALA C 258 -6.58 -28.22 -0.44
C ALA C 258 -7.05 -27.09 0.47
N THR C 259 -6.79 -27.25 1.76
CA THR C 259 -7.23 -26.31 2.79
C THR C 259 -6.03 -25.70 3.49
N GLY C 260 -6.30 -24.63 4.23
CA GLY C 260 -5.30 -23.98 5.07
C GLY C 260 -5.97 -23.32 6.25
N SER C 261 -5.49 -23.59 7.46
CA SER C 261 -6.18 -23.15 8.67
C SER C 261 -5.23 -22.35 9.56
N ASP C 262 -5.78 -21.82 10.65
CA ASP C 262 -5.02 -21.02 11.61
C ASP C 262 -4.10 -21.89 12.46
N ASP C 263 -4.25 -23.21 12.44
CA ASP C 263 -3.39 -24.09 13.22
C ASP C 263 -2.09 -24.44 12.49
N ALA C 264 -1.69 -23.61 11.51
CA ALA C 264 -0.41 -23.74 10.83
C ALA C 264 -0.28 -25.07 10.09
N THR C 265 -1.37 -25.56 9.51
CA THR C 265 -1.35 -26.82 8.80
C THR C 265 -2.21 -26.74 7.55
N CYS C 266 -1.78 -27.46 6.52
CA CYS C 266 -2.56 -27.61 5.29
C CYS C 266 -2.76 -29.09 5.01
N ARG C 267 -3.93 -29.42 4.44
CA ARG C 267 -4.26 -30.81 4.13
C ARG C 267 -4.89 -30.89 2.74
N LEU C 268 -4.78 -32.06 2.15
CA LEU C 268 -5.33 -32.33 0.82
C LEU C 268 -6.45 -33.35 0.93
N PHE C 269 -7.66 -32.95 0.60
CA PHE C 269 -8.82 -33.82 0.61
C PHE C 269 -9.20 -34.23 -0.80
N ASP C 270 -9.85 -35.39 -0.92
CA ASP C 270 -10.31 -35.90 -2.20
C ASP C 270 -11.83 -36.06 -2.18
N LEU C 271 -12.48 -35.69 -3.28
CA LEU C 271 -13.93 -35.75 -3.35
C LEU C 271 -14.45 -37.18 -3.54
N ARG C 272 -13.61 -38.10 -3.96
CA ARG C 272 -14.02 -39.49 -4.18
C ARG C 272 -13.65 -40.40 -3.03
N ALA C 273 -12.45 -40.25 -2.47
CA ALA C 273 -12.01 -41.07 -1.35
C ALA C 273 -12.57 -40.62 -0.01
N ASP C 274 -13.15 -39.41 0.06
CA ASP C 274 -13.72 -38.88 1.29
C ASP C 274 -12.69 -38.75 2.40
N GLN C 275 -11.41 -38.61 2.03
CA GLN C 275 -10.34 -38.70 3.01
C GLN C 275 -9.28 -37.64 2.75
N GLU C 276 -8.60 -37.25 3.82
CA GLU C 276 -7.39 -36.46 3.70
C GLU C 276 -6.26 -37.35 3.18
N LEU C 277 -5.44 -36.81 2.28
CA LEU C 277 -4.35 -37.57 1.66
C LEU C 277 -2.98 -37.18 2.17
N MET C 278 -2.68 -35.89 2.28
CA MET C 278 -1.35 -35.45 2.67
C MET C 278 -1.49 -34.24 3.58
N THR C 279 -0.51 -34.07 4.47
CA THR C 279 -0.50 -33.01 5.46
C THR C 279 0.75 -32.16 5.27
N TYR C 280 0.57 -30.85 5.19
CA TYR C 280 1.66 -29.92 4.89
C TYR C 280 1.91 -29.04 6.13
N SER C 281 2.77 -29.55 7.02
CA SER C 281 3.14 -28.82 8.23
C SER C 281 4.59 -29.11 8.57
N HIS C 282 5.19 -28.20 9.32
CA HIS C 282 6.56 -28.38 9.79
C HIS C 282 6.70 -27.70 11.15
N ASP C 283 7.71 -28.15 11.90
CA ASP C 283 7.87 -27.69 13.28
C ASP C 283 8.35 -26.25 13.38
N ASN C 284 8.88 -25.67 12.31
CA ASN C 284 9.35 -24.30 12.35
C ASN C 284 8.26 -23.28 12.04
N ILE C 285 7.05 -23.73 11.71
CA ILE C 285 5.93 -22.85 11.40
C ILE C 285 4.89 -22.98 12.50
N ILE C 286 4.48 -21.84 13.06
CA ILE C 286 3.49 -21.82 14.14
C ILE C 286 2.37 -20.86 13.79
N CYS C 287 2.58 -20.07 12.74
CA CYS C 287 1.57 -19.10 12.30
C CYS C 287 0.65 -19.73 11.26
N GLY C 288 -0.56 -19.18 11.17
CA GLY C 288 -1.56 -19.72 10.28
C GLY C 288 -1.26 -19.46 8.81
N ILE C 289 -2.13 -19.98 7.96
CA ILE C 289 -2.04 -19.80 6.52
C ILE C 289 -3.13 -18.84 6.09
N THR C 290 -2.75 -17.76 5.39
CA THR C 290 -3.70 -16.76 4.95
C THR C 290 -4.22 -17.00 3.54
N SER C 291 -3.44 -17.66 2.69
CA SER C 291 -3.85 -17.90 1.31
C SER C 291 -3.28 -19.23 0.84
N VAL C 292 -3.98 -19.85 -0.11
CA VAL C 292 -3.56 -21.12 -0.70
C VAL C 292 -3.82 -21.06 -2.20
N SER C 293 -2.85 -21.50 -2.99
CA SER C 293 -3.00 -21.54 -4.43
C SER C 293 -2.22 -22.72 -4.99
N PHE C 294 -2.61 -23.15 -6.18
CA PHE C 294 -2.03 -24.30 -6.84
C PHE C 294 -1.29 -23.87 -8.10
N SER C 295 -0.51 -24.79 -8.65
CA SER C 295 0.20 -24.58 -9.89
C SER C 295 -0.60 -25.10 -11.07
N LYS C 296 -0.17 -24.72 -12.27
CA LYS C 296 -0.92 -25.11 -13.47
C LYS C 296 -0.95 -26.61 -13.65
N SER C 297 0.13 -27.31 -13.29
CA SER C 297 0.16 -28.77 -13.38
C SER C 297 -0.23 -29.46 -12.08
N GLY C 298 -0.43 -28.70 -11.01
CA GLY C 298 -0.80 -29.28 -9.74
C GLY C 298 0.33 -29.92 -8.97
N ARG C 299 1.58 -29.67 -9.35
CA ARG C 299 2.73 -30.25 -8.65
C ARG C 299 3.27 -29.36 -7.55
N LEU C 300 2.90 -28.08 -7.55
CA LEU C 300 3.33 -27.14 -6.53
C LEU C 300 2.11 -26.62 -5.76
N LEU C 301 2.33 -26.29 -4.49
CA LEU C 301 1.30 -25.75 -3.63
C LEU C 301 1.89 -24.56 -2.89
N LEU C 302 1.43 -23.36 -3.23
CA LEU C 302 1.92 -22.13 -2.63
C LEU C 302 0.94 -21.67 -1.56
N ALA C 303 1.49 -21.22 -0.43
CA ALA C 303 0.68 -20.81 0.71
C ALA C 303 1.33 -19.63 1.40
N GLY C 304 0.53 -18.59 1.67
CA GLY C 304 1.00 -17.46 2.43
C GLY C 304 0.95 -17.72 3.93
N TYR C 305 1.72 -16.93 4.68
CA TYR C 305 1.82 -17.09 6.12
C TYR C 305 1.88 -15.73 6.79
N ASP C 306 1.60 -15.73 8.10
CA ASP C 306 1.71 -14.52 8.90
C ASP C 306 3.15 -14.22 9.31
N ASP C 307 4.11 -15.10 9.00
CA ASP C 307 5.51 -14.86 9.26
C ASP C 307 6.19 -14.01 8.17
N PHE C 308 5.40 -13.29 7.38
CA PHE C 308 5.81 -12.33 6.36
C PHE C 308 6.32 -13.01 5.09
N ASN C 309 6.35 -14.34 5.04
CA ASN C 309 6.89 -15.06 3.90
C ASN C 309 5.79 -15.84 3.19
N CYS C 310 6.16 -16.44 2.06
CA CYS C 310 5.31 -17.35 1.30
C CYS C 310 6.09 -18.62 1.01
N ASN C 311 5.43 -19.76 1.20
CA ASN C 311 6.11 -21.05 1.15
C ASN C 311 5.61 -21.86 -0.03
N VAL C 312 6.53 -22.56 -0.69
CA VAL C 312 6.22 -23.44 -1.81
C VAL C 312 6.39 -24.88 -1.35
N TRP C 313 5.36 -25.69 -1.54
CA TRP C 313 5.34 -27.07 -1.08
C TRP C 313 5.24 -28.02 -2.27
N ASP C 314 5.94 -29.15 -2.17
CA ASP C 314 5.78 -30.23 -3.14
C ASP C 314 4.49 -30.96 -2.81
N ALA C 315 3.44 -30.70 -3.61
CA ALA C 315 2.11 -31.21 -3.26
C ALA C 315 2.06 -32.72 -3.22
N LEU C 316 2.87 -33.39 -4.02
CA LEU C 316 2.90 -34.85 -4.04
C LEU C 316 3.88 -35.43 -3.02
N LYS C 317 4.67 -34.60 -2.33
CA LYS C 317 5.66 -35.08 -1.40
C LYS C 317 5.66 -34.37 -0.05
N ALA C 318 4.95 -33.25 0.08
CA ALA C 318 4.82 -32.49 1.33
C ALA C 318 6.14 -31.85 1.75
N ASP C 319 7.19 -32.04 0.94
CA ASP C 319 8.48 -31.44 1.23
C ASP C 319 8.51 -30.00 0.76
N ARG C 320 8.95 -29.10 1.64
CA ARG C 320 9.10 -27.69 1.27
C ARG C 320 10.16 -27.55 0.19
N ALA C 321 9.93 -26.62 -0.75
CA ALA C 321 10.80 -26.48 -1.90
C ALA C 321 11.15 -25.05 -2.27
N GLY C 322 10.76 -24.07 -1.46
CA GLY C 322 11.14 -22.70 -1.75
C GLY C 322 10.48 -21.75 -0.77
N VAL C 323 10.94 -20.49 -0.82
CA VAL C 323 10.41 -19.42 0.00
C VAL C 323 10.31 -18.16 -0.85
N LEU C 324 9.13 -17.55 -0.88
CA LEU C 324 8.92 -16.29 -1.59
C LEU C 324 9.00 -15.15 -0.59
N ALA C 325 10.22 -14.83 -0.19
CA ALA C 325 10.48 -13.77 0.77
C ALA C 325 10.75 -12.45 0.06
N GLY C 326 10.43 -11.35 0.74
CA GLY C 326 10.61 -10.03 0.17
C GLY C 326 9.51 -9.06 0.53
N HIS C 327 8.50 -9.54 1.25
CA HIS C 327 7.44 -8.68 1.77
C HIS C 327 7.76 -8.28 3.20
N ASP C 328 7.32 -7.08 3.57
CA ASP C 328 7.64 -6.50 4.87
C ASP C 328 6.52 -6.66 5.88
N ASN C 329 5.49 -7.45 5.57
CA ASN C 329 4.38 -7.68 6.48
C ASN C 329 3.71 -9.00 6.13
N ARG C 330 2.61 -9.28 6.81
CA ARG C 330 1.89 -10.54 6.62
C ARG C 330 1.34 -10.62 5.20
N VAL C 331 1.54 -11.77 4.55
CA VAL C 331 1.06 -11.98 3.20
C VAL C 331 -0.42 -12.30 3.25
N SER C 332 -1.23 -11.49 2.56
CA SER C 332 -2.67 -11.65 2.56
C SER C 332 -3.18 -12.42 1.34
N CYS C 333 -2.68 -12.08 0.16
CA CYS C 333 -3.22 -12.58 -1.10
C CYS C 333 -2.16 -13.39 -1.83
N LEU C 334 -2.63 -14.26 -2.73
CA LEU C 334 -1.76 -15.12 -3.52
C LEU C 334 -2.55 -15.72 -4.68
N GLY C 335 -2.03 -15.60 -5.89
CA GLY C 335 -2.72 -16.12 -7.07
C GLY C 335 -1.74 -16.53 -8.14
N VAL C 336 -2.18 -17.44 -9.00
CA VAL C 336 -1.40 -17.93 -10.12
C VAL C 336 -2.20 -17.72 -11.40
N THR C 337 -1.53 -17.22 -12.43
CA THR C 337 -2.21 -16.94 -13.70
C THR C 337 -2.69 -18.24 -14.34
N ASP C 338 -3.66 -18.10 -15.24
CA ASP C 338 -4.26 -19.26 -15.91
C ASP C 338 -3.31 -19.95 -16.87
N ASP C 339 -2.21 -19.31 -17.25
CA ASP C 339 -1.21 -19.93 -18.10
C ASP C 339 0.04 -20.35 -17.33
N GLY C 340 0.08 -20.11 -16.01
CA GLY C 340 1.17 -20.58 -15.19
C GLY C 340 2.48 -19.86 -15.36
N MET C 341 2.47 -18.60 -15.79
CA MET C 341 3.70 -17.86 -16.05
C MET C 341 4.09 -16.91 -14.93
N ALA C 342 3.22 -16.65 -13.97
CA ALA C 342 3.54 -15.69 -12.93
C ALA C 342 2.75 -15.99 -11.66
N VAL C 343 3.22 -15.43 -10.56
CA VAL C 343 2.55 -15.50 -9.27
C VAL C 343 2.54 -14.10 -8.66
N ALA C 344 1.36 -13.63 -8.29
CA ALA C 344 1.21 -12.34 -7.63
C ALA C 344 0.87 -12.55 -6.16
N THR C 345 1.52 -11.78 -5.30
CA THR C 345 1.28 -11.83 -3.87
C THR C 345 1.14 -10.42 -3.32
N GLY C 346 0.06 -10.20 -2.58
CA GLY C 346 -0.12 -8.95 -1.86
C GLY C 346 0.12 -9.14 -0.38
N SER C 347 0.32 -8.06 0.36
CA SER C 347 0.59 -8.16 1.78
C SER C 347 0.18 -6.86 2.45
N TRP C 348 0.31 -6.83 3.78
CA TRP C 348 -0.16 -5.71 4.58
C TRP C 348 0.72 -4.47 4.46
N ASP C 349 1.84 -4.54 3.75
CA ASP C 349 2.71 -3.38 3.54
C ASP C 349 2.32 -2.59 2.29
N SER C 350 1.18 -2.90 1.69
CA SER C 350 0.60 -2.15 0.58
C SER C 350 1.44 -2.26 -0.70
N PHE C 351 1.92 -3.46 -0.99
CA PHE C 351 2.66 -3.72 -2.21
C PHE C 351 2.24 -5.05 -2.81
N LEU C 352 2.25 -5.12 -4.15
CA LEU C 352 2.05 -6.35 -4.88
C LEU C 352 3.33 -6.69 -5.62
N LYS C 353 3.61 -7.98 -5.77
CA LYS C 353 4.86 -8.43 -6.36
C LYS C 353 4.58 -9.58 -7.32
N ILE C 354 5.17 -9.50 -8.51
CA ILE C 354 5.06 -10.56 -9.51
C ILE C 354 6.32 -11.41 -9.44
N TRP C 355 6.13 -12.72 -9.33
CA TRP C 355 7.24 -13.66 -9.17
C TRP C 355 7.26 -14.62 -10.35
N ASN C 356 8.44 -14.83 -10.93
CA ASN C 356 8.58 -15.73 -12.06
C ASN C 356 9.69 -16.74 -11.82
N THR D 5 -38.45 -31.38 21.14
CA THR D 5 -39.58 -30.45 21.13
C THR D 5 -39.29 -29.26 20.21
N ALA D 6 -38.20 -28.55 20.49
CA ALA D 6 -37.80 -27.39 19.71
C ALA D 6 -36.70 -27.71 18.70
N SER D 7 -35.66 -28.42 19.12
CA SER D 7 -34.58 -28.84 18.24
C SER D 7 -34.85 -30.18 17.58
N ILE D 8 -36.06 -30.72 17.73
CA ILE D 8 -36.38 -32.02 17.15
C ILE D 8 -36.34 -31.96 15.62
N ALA D 9 -36.88 -30.90 15.02
CA ALA D 9 -36.87 -30.80 13.56
C ALA D 9 -35.46 -30.63 13.04
N GLN D 10 -34.64 -29.82 13.71
CA GLN D 10 -33.26 -29.60 13.26
C GLN D 10 -32.45 -30.88 13.30
N ALA D 11 -32.61 -31.67 14.36
CA ALA D 11 -31.91 -32.96 14.44
C ALA D 11 -32.51 -33.98 13.48
N ARG D 12 -33.81 -33.87 13.20
CA ARG D 12 -34.42 -34.76 12.21
C ARG D 12 -33.84 -34.51 10.83
N LYS D 13 -33.58 -33.25 10.48
CA LYS D 13 -32.94 -32.94 9.22
C LYS D 13 -31.45 -33.31 9.25
N LEU D 14 -30.82 -33.20 10.42
CA LEU D 14 -29.40 -33.50 10.53
C LEU D 14 -29.11 -34.97 10.20
N VAL D 15 -29.92 -35.89 10.73
CA VAL D 15 -29.72 -37.30 10.42
C VAL D 15 -30.10 -37.60 8.98
N GLU D 16 -31.10 -36.89 8.44
CA GLU D 16 -31.46 -37.07 7.04
C GLU D 16 -30.32 -36.66 6.12
N GLN D 17 -29.67 -35.54 6.41
CA GLN D 17 -28.48 -35.16 5.66
C GLN D 17 -27.34 -36.15 5.87
N LEU D 18 -27.18 -36.63 7.11
CA LEU D 18 -26.18 -37.65 7.38
C LEU D 18 -26.49 -38.95 6.67
N LYS D 19 -27.78 -39.27 6.50
CA LYS D 19 -28.16 -40.46 5.76
C LYS D 19 -27.73 -40.36 4.30
N MET D 20 -27.93 -39.20 3.68
CA MET D 20 -27.55 -39.02 2.28
C MET D 20 -26.04 -39.07 2.10
N GLU D 21 -25.30 -38.44 3.01
CA GLU D 21 -23.84 -38.39 2.86
C GLU D 21 -23.20 -39.75 3.11
N ALA D 22 -23.86 -40.61 3.91
CA ALA D 22 -23.29 -41.92 4.19
C ALA D 22 -23.42 -42.86 3.00
N ASN D 23 -24.57 -42.82 2.31
CA ASN D 23 -24.85 -43.75 1.22
C ASN D 23 -24.44 -43.12 -0.12
N ILE D 24 -23.14 -43.05 -0.33
CA ILE D 24 -22.57 -42.55 -1.58
C ILE D 24 -21.49 -43.53 -2.05
N ASP D 25 -21.15 -43.43 -3.33
CA ASP D 25 -20.11 -44.28 -3.91
C ASP D 25 -18.74 -43.82 -3.44
N ARG D 26 -17.88 -44.79 -3.14
CA ARG D 26 -16.53 -44.51 -2.67
C ARG D 26 -15.54 -45.42 -3.39
N ILE D 27 -14.31 -44.92 -3.55
CA ILE D 27 -13.24 -45.68 -4.17
C ILE D 27 -12.10 -45.81 -3.17
N LYS D 28 -11.17 -46.71 -3.49
CA LYS D 28 -10.00 -46.90 -2.64
C LYS D 28 -9.09 -45.68 -2.68
N VAL D 29 -8.43 -45.41 -1.56
CA VAL D 29 -7.54 -44.26 -1.49
C VAL D 29 -6.33 -44.46 -2.40
N SER D 30 -5.91 -45.71 -2.63
CA SER D 30 -4.81 -45.96 -3.55
C SER D 30 -5.19 -45.59 -4.97
N LYS D 31 -6.43 -45.86 -5.37
CA LYS D 31 -6.90 -45.46 -6.69
C LYS D 31 -6.96 -43.95 -6.83
N ALA D 32 -7.44 -43.26 -5.79
CA ALA D 32 -7.52 -41.80 -5.84
C ALA D 32 -6.13 -41.16 -5.86
N ALA D 33 -5.19 -41.72 -5.09
CA ALA D 33 -3.85 -41.15 -5.03
C ALA D 33 -3.15 -41.24 -6.38
N ALA D 34 -3.34 -42.35 -7.11
CA ALA D 34 -2.72 -42.50 -8.42
C ALA D 34 -3.25 -41.48 -9.41
N ASP D 35 -4.54 -41.15 -9.32
CA ASP D 35 -5.14 -40.22 -10.27
C ASP D 35 -4.51 -38.83 -10.17
N LEU D 36 -4.30 -38.34 -8.95
CA LEU D 36 -3.65 -37.05 -8.77
C LEU D 36 -2.21 -37.08 -9.28
N MET D 37 -1.50 -38.18 -9.03
CA MET D 37 -0.13 -38.30 -9.52
C MET D 37 -0.08 -38.33 -11.05
N ALA D 38 -1.04 -39.03 -11.68
CA ALA D 38 -1.03 -39.14 -13.13
C ALA D 38 -1.30 -37.80 -13.81
N TYR D 39 -2.01 -36.90 -13.13
CA TYR D 39 -2.28 -35.59 -13.71
C TYR D 39 -1.04 -34.70 -13.66
N CYS D 40 -0.27 -34.78 -12.56
CA CYS D 40 0.90 -33.92 -12.43
C CYS D 40 2.01 -34.32 -13.39
N GLU D 41 2.17 -35.62 -13.65
CA GLU D 41 3.23 -36.08 -14.55
C GLU D 41 2.89 -35.77 -16.00
N ALA D 42 1.61 -35.85 -16.38
CA ALA D 42 1.23 -35.61 -17.76
C ALA D 42 1.39 -34.15 -18.16
N HIS D 43 1.13 -33.22 -17.24
CA HIS D 43 1.19 -31.79 -17.52
C HIS D 43 2.47 -31.14 -17.02
N ALA D 44 3.53 -31.94 -16.83
CA ALA D 44 4.78 -31.40 -16.31
C ALA D 44 5.40 -30.39 -17.26
N LYS D 45 5.37 -30.68 -18.57
CA LYS D 45 6.00 -29.79 -19.54
C LYS D 45 5.25 -28.49 -19.73
N GLU D 46 3.98 -28.42 -19.32
CA GLU D 46 3.17 -27.23 -19.50
C GLU D 46 3.13 -26.35 -18.25
N ASP D 47 4.12 -26.49 -17.37
CA ASP D 47 4.18 -25.69 -16.15
C ASP D 47 5.38 -24.76 -16.21
N PRO D 48 5.20 -23.49 -16.57
CA PRO D 48 6.32 -22.55 -16.64
C PRO D 48 6.90 -22.14 -15.30
N LEU D 49 6.42 -22.69 -14.19
CA LEU D 49 6.95 -22.41 -12.87
C LEU D 49 7.71 -23.58 -12.27
N LEU D 50 7.21 -24.81 -12.44
CA LEU D 50 7.98 -25.98 -12.02
C LEU D 50 9.19 -26.19 -12.93
N THR D 51 9.01 -26.05 -14.23
CA THR D 51 10.10 -26.05 -15.18
C THR D 51 10.25 -24.63 -15.74
N PRO D 52 11.32 -23.92 -15.39
CA PRO D 52 11.42 -22.51 -15.79
C PRO D 52 11.42 -22.33 -17.30
N VAL D 53 10.84 -21.21 -17.74
CA VAL D 53 10.72 -20.87 -19.15
C VAL D 53 11.93 -20.03 -19.54
N PRO D 54 12.49 -20.21 -20.73
CA PRO D 54 13.62 -19.35 -21.16
C PRO D 54 13.22 -17.89 -21.20
N ALA D 55 14.21 -17.02 -20.95
CA ALA D 55 13.96 -15.59 -20.84
C ALA D 55 13.40 -14.98 -22.12
N SER D 56 13.60 -15.64 -23.27
CA SER D 56 13.05 -15.11 -24.52
C SER D 56 11.52 -15.15 -24.50
N GLU D 57 10.94 -16.24 -24.01
CA GLU D 57 9.49 -16.38 -23.97
C GLU D 57 8.86 -15.76 -22.74
N ASN D 58 9.65 -15.34 -21.77
CA ASN D 58 9.11 -14.76 -20.54
C ASN D 58 8.54 -13.38 -20.82
N PRO D 59 7.26 -13.14 -20.55
CA PRO D 59 6.69 -11.80 -20.74
C PRO D 59 7.00 -10.83 -19.62
N PHE D 60 7.59 -11.29 -18.52
CA PHE D 60 7.94 -10.43 -17.39
C PHE D 60 9.44 -10.19 -17.29
N ARG D 61 10.22 -10.62 -18.28
CA ARG D 61 11.65 -10.38 -18.32
C ARG D 61 12.15 -9.87 -19.67
N GLU D 62 11.39 -10.05 -20.75
CA GLU D 62 11.83 -9.61 -22.06
C GLU D 62 11.85 -8.10 -22.21
N LYS D 63 11.18 -7.38 -21.32
CA LYS D 63 11.08 -5.92 -21.38
C LYS D 63 10.53 -5.44 -22.72
N VAL E 2 -21.57 10.90 -26.30
CA VAL E 2 -22.84 10.63 -26.96
C VAL E 2 -23.21 11.80 -27.86
N GLN E 3 -22.53 12.93 -27.68
CA GLN E 3 -22.77 14.12 -28.48
C GLN E 3 -21.47 14.90 -28.61
N LEU E 4 -21.16 15.34 -29.83
CA LEU E 4 -19.96 16.12 -30.10
C LEU E 4 -20.32 17.14 -31.17
N VAL E 5 -20.66 18.36 -30.75
CA VAL E 5 -21.16 19.41 -31.64
C VAL E 5 -20.07 20.45 -31.81
N GLU E 6 -19.69 20.70 -33.06
CA GLU E 6 -18.68 21.69 -33.40
C GLU E 6 -19.30 22.84 -34.18
N SER E 7 -18.84 24.05 -33.91
CA SER E 7 -19.36 25.23 -34.58
C SER E 7 -18.30 26.33 -34.53
N GLY E 8 -18.48 27.33 -35.39
CA GLY E 8 -17.57 28.46 -35.44
C GLY E 8 -17.05 28.77 -36.83
N GLY E 9 -17.42 27.95 -37.80
CA GLY E 9 -16.96 28.15 -39.15
C GLY E 9 -17.76 29.18 -39.92
N GLY E 10 -17.23 29.56 -41.07
CA GLY E 10 -17.87 30.56 -41.91
C GLY E 10 -16.90 31.08 -42.94
N LEU E 11 -17.43 31.97 -43.78
CA LEU E 11 -16.61 32.58 -44.83
C LEU E 11 -15.60 33.55 -44.21
N VAL E 12 -14.35 33.42 -44.64
CA VAL E 12 -13.26 34.25 -44.13
C VAL E 12 -12.37 34.66 -45.30
N GLN E 13 -11.58 35.73 -45.08
CA GLN E 13 -10.66 36.27 -46.05
C GLN E 13 -9.24 35.75 -45.78
N PRO E 14 -8.42 35.63 -46.82
CA PRO E 14 -7.03 35.18 -46.59
C PRO E 14 -6.28 36.13 -45.67
N GLY E 15 -5.48 35.55 -44.78
CA GLY E 15 -4.79 36.31 -43.77
C GLY E 15 -5.60 36.57 -42.52
N GLY E 16 -6.91 36.33 -42.55
CA GLY E 16 -7.73 36.53 -41.37
C GLY E 16 -7.66 35.38 -40.40
N SER E 17 -8.32 35.56 -39.26
CA SER E 17 -8.28 34.60 -38.17
C SER E 17 -9.69 34.12 -37.86
N ARG E 18 -9.82 32.81 -37.63
CA ARG E 18 -11.07 32.20 -37.23
C ARG E 18 -10.81 31.21 -36.11
N LYS E 19 -11.73 31.13 -35.16
CA LYS E 19 -11.60 30.25 -34.01
C LYS E 19 -12.70 29.19 -34.05
N LEU E 20 -12.30 27.92 -33.89
CA LEU E 20 -13.23 26.80 -33.89
C LEU E 20 -13.42 26.30 -32.46
N SER E 21 -14.68 26.10 -32.09
CA SER E 21 -15.04 25.61 -30.76
C SER E 21 -15.89 24.36 -30.91
N CYS E 22 -15.63 23.37 -30.06
CA CYS E 22 -16.38 22.12 -30.05
C CYS E 22 -16.81 21.81 -28.63
N SER E 23 -18.10 21.53 -28.45
CA SER E 23 -18.69 21.29 -27.15
C SER E 23 -19.09 19.83 -27.02
N ALA E 24 -18.64 19.18 -25.94
CA ALA E 24 -18.95 17.80 -25.65
C ALA E 24 -19.98 17.71 -24.53
N SER E 25 -20.87 16.72 -24.65
CA SER E 25 -21.92 16.55 -23.64
C SER E 25 -22.39 15.10 -23.68
N GLY E 26 -22.10 14.34 -22.62
CA GLY E 26 -22.62 13.00 -22.51
C GLY E 26 -21.58 11.94 -22.15
N PHE E 27 -20.37 12.37 -21.81
CA PHE E 27 -19.31 11.43 -21.44
C PHE E 27 -18.28 12.17 -20.60
N ALA E 28 -17.36 11.39 -20.03
CA ALA E 28 -16.30 11.95 -19.18
C ALA E 28 -15.24 12.62 -20.05
N PHE E 29 -15.47 13.89 -20.39
CA PHE E 29 -14.59 14.61 -21.30
C PHE E 29 -13.19 14.80 -20.74
N SER E 30 -13.02 14.72 -19.42
CA SER E 30 -11.72 14.98 -18.83
C SER E 30 -10.72 13.84 -19.08
N SER E 31 -11.20 12.65 -19.41
CA SER E 31 -10.33 11.48 -19.60
C SER E 31 -10.19 11.09 -21.07
N PHE E 32 -10.56 11.96 -22.00
CA PHE E 32 -10.50 11.66 -23.42
C PHE E 32 -9.55 12.64 -24.10
N GLY E 33 -8.64 12.11 -24.92
CA GLY E 33 -7.80 12.94 -25.75
C GLY E 33 -8.47 13.18 -27.08
N MET E 34 -8.52 14.44 -27.50
CA MET E 34 -9.31 14.86 -28.64
C MET E 34 -8.41 15.18 -29.83
N HIS E 35 -9.02 15.14 -31.02
CA HIS E 35 -8.31 15.36 -32.27
C HIS E 35 -9.11 16.32 -33.15
N TRP E 36 -8.41 16.91 -34.11
CA TRP E 36 -9.03 17.68 -35.18
C TRP E 36 -8.65 17.05 -36.51
N VAL E 37 -9.66 16.71 -37.31
CA VAL E 37 -9.46 16.08 -38.62
C VAL E 37 -10.24 16.88 -39.64
N ARG E 38 -9.57 17.32 -40.69
CA ARG E 38 -10.18 18.11 -41.74
C ARG E 38 -10.37 17.26 -43.00
N GLN E 39 -11.28 17.71 -43.86
CA GLN E 39 -11.56 17.05 -45.12
C GLN E 39 -11.83 18.09 -46.19
N ALA E 40 -11.02 18.06 -47.26
CA ALA E 40 -11.21 18.96 -48.38
C ALA E 40 -12.61 18.80 -48.96
N PRO E 41 -13.09 19.79 -49.73
CA PRO E 41 -14.45 19.70 -50.27
C PRO E 41 -14.68 18.48 -51.14
N GLU E 42 -13.64 17.92 -51.77
CA GLU E 42 -13.80 16.74 -52.60
C GLU E 42 -12.74 15.68 -52.37
N LYS E 43 -11.75 15.92 -51.52
CA LYS E 43 -10.67 14.97 -51.29
C LYS E 43 -10.89 14.24 -49.96
N GLY E 44 -9.90 13.44 -49.56
CA GLY E 44 -10.00 12.65 -48.36
C GLY E 44 -9.69 13.43 -47.10
N LEU E 45 -9.69 12.70 -45.97
CA LEU E 45 -9.47 13.31 -44.67
C LEU E 45 -7.99 13.61 -44.46
N GLU E 46 -7.72 14.46 -43.47
CA GLU E 46 -6.35 14.84 -43.13
C GLU E 46 -6.30 15.22 -41.66
N TRP E 47 -5.46 14.52 -40.89
CA TRP E 47 -5.31 14.81 -39.48
C TRP E 47 -4.60 16.15 -39.28
N VAL E 48 -5.00 16.89 -38.24
CA VAL E 48 -4.52 18.25 -38.07
C VAL E 48 -3.75 18.41 -36.76
N ALA E 49 -4.39 18.12 -35.63
CA ALA E 49 -3.80 18.42 -34.33
C ALA E 49 -4.22 17.35 -33.33
N TYR E 50 -3.82 17.54 -32.08
CA TYR E 50 -4.06 16.61 -30.99
C TYR E 50 -3.73 17.28 -29.66
N ILE E 51 -4.57 17.04 -28.66
CA ILE E 51 -4.29 17.46 -27.29
C ILE E 51 -4.64 16.29 -26.36
N SER E 52 -3.72 15.97 -25.45
CA SER E 52 -3.87 14.81 -24.59
C SER E 52 -4.87 15.10 -23.47
N SER E 53 -5.07 14.11 -22.60
CA SER E 53 -5.91 14.27 -21.42
C SER E 53 -5.10 14.98 -20.34
N GLY E 54 -5.62 16.10 -19.84
CA GLY E 54 -4.86 16.96 -18.97
C GLY E 54 -3.94 17.92 -19.69
N SER E 55 -4.00 17.97 -21.02
CA SER E 55 -3.18 18.87 -21.83
C SER E 55 -1.69 18.66 -21.56
N GLY E 56 -1.29 17.39 -21.57
CA GLY E 56 0.11 17.05 -21.36
C GLY E 56 0.96 17.17 -22.60
N THR E 57 0.54 16.50 -23.68
CA THR E 57 1.26 16.52 -24.95
C THR E 57 0.36 17.08 -26.04
N ILE E 58 0.96 17.84 -26.96
CA ILE E 58 0.25 18.44 -28.08
C ILE E 58 1.04 18.15 -29.35
N TYR E 59 0.33 17.76 -30.41
CA TYR E 59 0.94 17.47 -31.69
C TYR E 59 0.23 18.25 -32.78
N TYR E 60 0.96 18.57 -33.84
CA TYR E 60 0.45 19.37 -34.94
C TYR E 60 0.86 18.75 -36.27
N ALA E 61 0.08 19.06 -37.30
CA ALA E 61 0.45 18.68 -38.66
C ALA E 61 1.54 19.60 -39.17
N ASP E 62 2.38 19.07 -40.06
CA ASP E 62 3.49 19.84 -40.60
C ASP E 62 3.02 20.99 -41.48
N THR E 63 1.78 20.93 -41.96
CA THR E 63 1.25 22.00 -42.82
C THR E 63 0.64 23.14 -42.03
N VAL E 64 0.35 22.93 -40.74
CA VAL E 64 -0.34 23.93 -39.93
C VAL E 64 0.43 24.30 -38.67
N LYS E 65 1.64 23.76 -38.48
CA LYS E 65 2.41 24.08 -37.29
C LYS E 65 2.78 25.55 -37.27
N GLY E 66 2.64 26.17 -36.11
CA GLY E 66 2.88 27.59 -35.95
C GLY E 66 1.65 28.47 -36.12
N ARG E 67 0.86 28.22 -37.17
CA ARG E 67 -0.34 29.01 -37.41
C ARG E 67 -1.51 28.54 -36.58
N PHE E 68 -1.54 27.27 -36.18
CA PHE E 68 -2.66 26.68 -35.47
C PHE E 68 -2.28 26.38 -34.03
N THR E 69 -3.22 26.60 -33.11
CA THR E 69 -3.05 26.25 -31.71
C THR E 69 -4.32 25.60 -31.20
N ILE E 70 -4.17 24.48 -30.50
CA ILE E 70 -5.30 23.70 -29.99
C ILE E 70 -5.24 23.70 -28.47
N SER E 71 -6.36 24.03 -27.83
CA SER E 71 -6.46 24.05 -26.38
C SER E 71 -7.83 23.53 -25.97
N ARG E 72 -7.92 23.13 -24.70
CA ARG E 72 -9.15 22.59 -24.14
C ARG E 72 -9.45 23.26 -22.80
N ASP E 73 -10.73 23.27 -22.44
CA ASP E 73 -11.21 23.81 -21.17
C ASP E 73 -12.05 22.71 -20.52
N ASP E 74 -11.40 21.86 -19.72
CA ASP E 74 -12.08 20.68 -19.16
C ASP E 74 -13.29 21.02 -18.30
N PRO E 75 -13.23 21.97 -17.35
CA PRO E 75 -14.43 22.24 -16.54
C PRO E 75 -15.63 22.71 -17.35
N LYS E 76 -15.41 23.42 -18.46
CA LYS E 76 -16.50 23.88 -19.30
C LYS E 76 -16.91 22.85 -20.35
N ASN E 77 -16.19 21.74 -20.46
CA ASN E 77 -16.48 20.66 -21.40
C ASN E 77 -16.51 21.20 -22.85
N THR E 78 -15.37 21.72 -23.28
CA THR E 78 -15.25 22.28 -24.62
C THR E 78 -13.82 22.14 -25.11
N LEU E 79 -13.66 22.16 -26.43
CA LEU E 79 -12.37 22.06 -27.08
C LEU E 79 -12.27 23.16 -28.13
N PHE E 80 -11.08 23.78 -28.23
CA PHE E 80 -10.89 24.95 -29.06
C PHE E 80 -9.77 24.73 -30.07
N LEU E 81 -9.92 25.38 -31.23
CA LEU E 81 -8.86 25.45 -32.23
C LEU E 81 -8.75 26.90 -32.69
N GLN E 82 -7.52 27.42 -32.70
CA GLN E 82 -7.27 28.81 -33.05
C GLN E 82 -6.40 28.86 -34.30
N MET E 83 -6.84 29.61 -35.30
CA MET E 83 -6.11 29.79 -36.56
C MET E 83 -5.87 31.28 -36.76
N THR E 84 -4.63 31.65 -37.08
CA THR E 84 -4.24 33.05 -37.23
C THR E 84 -4.06 33.45 -38.69
N SER E 85 -3.20 32.76 -39.43
CA SER E 85 -2.94 33.10 -40.83
C SER E 85 -3.58 32.07 -41.74
N LEU E 86 -4.86 32.30 -42.04
CA LEU E 86 -5.62 31.38 -42.88
C LEU E 86 -5.26 31.58 -44.35
N ARG E 87 -4.80 30.51 -44.99
CA ARG E 87 -4.44 30.53 -46.40
C ARG E 87 -5.62 30.01 -47.24
N SER E 88 -5.39 29.84 -48.54
CA SER E 88 -6.42 29.35 -49.44
C SER E 88 -6.49 27.82 -49.48
N GLU E 89 -5.56 27.13 -48.84
CA GLU E 89 -5.56 25.68 -48.77
C GLU E 89 -6.26 25.15 -47.53
N ASP E 90 -6.85 26.02 -46.71
CA ASP E 90 -7.52 25.62 -45.49
C ASP E 90 -9.03 25.51 -45.64
N THR E 91 -9.53 25.57 -46.87
CA THR E 91 -10.96 25.40 -47.12
C THR E 91 -11.31 23.92 -46.99
N ALA E 92 -12.00 23.56 -45.93
CA ALA E 92 -12.30 22.16 -45.65
C ALA E 92 -13.44 22.10 -44.64
N MET E 93 -13.73 20.88 -44.18
CA MET E 93 -14.70 20.63 -43.12
C MET E 93 -13.98 19.99 -41.95
N TYR E 94 -14.15 20.55 -40.76
CA TYR E 94 -13.38 20.15 -39.59
C TYR E 94 -14.25 19.30 -38.67
N TYR E 95 -13.75 18.12 -38.33
CA TYR E 95 -14.41 17.21 -37.40
C TYR E 95 -13.64 17.14 -36.09
N CYS E 96 -14.31 16.64 -35.07
CA CYS E 96 -13.72 16.41 -33.75
C CYS E 96 -13.89 14.95 -33.39
N VAL E 97 -12.81 14.32 -32.97
CA VAL E 97 -12.79 12.88 -32.68
C VAL E 97 -12.27 12.67 -31.26
N ARG E 98 -13.01 11.89 -30.48
CA ARG E 98 -12.57 11.51 -29.14
C ARG E 98 -11.81 10.19 -29.18
N SER E 99 -10.85 10.06 -28.27
CA SER E 99 -10.01 8.86 -28.24
C SER E 99 -9.44 8.69 -26.84
N ILE E 100 -9.48 7.46 -26.33
CA ILE E 100 -8.98 7.13 -25.01
C ILE E 100 -7.95 6.00 -25.17
N TYR E 101 -6.88 6.06 -24.39
CA TYR E 101 -5.77 5.13 -24.52
C TYR E 101 -5.51 4.42 -23.19
N TYR E 102 -5.88 3.14 -23.13
CA TYR E 102 -5.40 2.22 -22.13
C TYR E 102 -5.35 0.84 -22.78
N TYR E 103 -5.00 -0.17 -22.00
CA TYR E 103 -4.86 -1.52 -22.55
C TYR E 103 -6.24 -2.06 -22.92
N GLY E 104 -6.52 -2.12 -24.22
CA GLY E 104 -7.77 -2.67 -24.71
C GLY E 104 -8.81 -1.67 -25.13
N SER E 105 -8.49 -0.38 -25.15
CA SER E 105 -9.44 0.65 -25.54
C SER E 105 -9.60 0.68 -27.06
N SER E 106 -10.63 1.40 -27.51
CA SER E 106 -10.89 1.60 -28.94
C SER E 106 -10.89 3.09 -29.24
N PRO E 107 -9.76 3.65 -29.67
CA PRO E 107 -9.72 5.09 -29.97
C PRO E 107 -10.44 5.42 -31.27
N PHE E 108 -10.68 6.71 -31.46
CA PHE E 108 -11.32 7.24 -32.68
C PHE E 108 -12.73 6.68 -32.86
N ASP E 109 -13.38 6.33 -31.76
CA ASP E 109 -14.68 5.64 -31.84
C ASP E 109 -15.82 6.59 -32.24
N PHE E 110 -15.82 7.81 -31.70
CA PHE E 110 -16.91 8.75 -31.93
C PHE E 110 -16.38 10.01 -32.60
N TRP E 111 -16.99 10.38 -33.72
CA TRP E 111 -16.64 11.59 -34.45
C TRP E 111 -17.70 12.65 -34.26
N GLY E 112 -17.31 13.91 -34.42
CA GLY E 112 -18.25 15.01 -34.29
C GLY E 112 -19.20 15.13 -35.47
N GLN E 113 -19.73 16.33 -35.69
CA GLN E 113 -20.66 16.56 -36.79
C GLN E 113 -20.06 17.39 -37.92
N GLY E 114 -19.09 18.24 -37.63
CA GLY E 114 -18.40 18.97 -38.67
C GLY E 114 -18.87 20.39 -38.89
N THR E 115 -17.92 21.32 -39.00
CA THR E 115 -18.21 22.71 -39.33
C THR E 115 -17.43 23.10 -40.57
N THR E 116 -18.07 23.84 -41.47
CA THR E 116 -17.47 24.21 -42.73
C THR E 116 -16.69 25.51 -42.60
N LEU E 117 -15.66 25.64 -43.45
CA LEU E 117 -14.83 26.85 -43.47
C LEU E 117 -14.40 27.10 -44.90
N THR E 118 -14.68 28.31 -45.40
CA THR E 118 -14.33 28.69 -46.76
C THR E 118 -13.42 29.92 -46.72
N VAL E 119 -12.33 29.88 -47.47
CA VAL E 119 -11.41 31.01 -47.60
C VAL E 119 -11.42 31.42 -49.06
N SER E 120 -11.98 32.58 -49.35
CA SER E 120 -12.08 33.08 -50.72
C SER E 120 -10.79 33.80 -51.07
N SER E 121 -9.93 33.13 -51.84
CA SER E 121 -8.66 33.71 -52.26
C SER E 121 -8.27 33.25 -53.66
N SER E 136 10.57 10.74 -42.57
CA SER E 136 9.39 11.44 -43.05
C SER E 136 8.14 10.97 -42.33
N ASP E 137 7.18 10.45 -43.10
CA ASP E 137 5.94 9.92 -42.55
C ASP E 137 5.45 8.79 -43.44
N ILE E 138 4.67 7.88 -42.87
CA ILE E 138 4.20 6.72 -43.62
C ILE E 138 3.21 7.18 -44.67
N VAL E 139 3.43 6.75 -45.91
CA VAL E 139 2.53 7.03 -47.03
C VAL E 139 1.56 5.85 -47.13
N MET E 140 0.28 6.12 -46.98
CA MET E 140 -0.72 5.10 -46.80
C MET E 140 -1.61 5.12 -48.05
N THR E 141 -1.67 4.00 -48.77
CA THR E 141 -2.18 3.99 -50.13
C THR E 141 -3.48 3.19 -50.23
N GLN E 142 -4.27 3.52 -51.26
CA GLN E 142 -5.53 2.85 -51.54
C GLN E 142 -5.84 3.03 -53.02
N ALA E 143 -5.58 2.00 -53.81
CA ALA E 143 -5.88 2.03 -55.25
C ALA E 143 -7.22 1.36 -55.53
N THR E 144 -8.26 1.87 -54.89
CA THR E 144 -9.61 1.32 -55.02
C THR E 144 -10.63 2.45 -55.15
N SER E 145 -10.37 3.38 -56.09
CA SER E 145 -11.14 4.61 -56.19
C SER E 145 -12.64 4.36 -56.30
N SER E 146 -13.05 3.39 -57.11
CA SER E 146 -14.46 3.11 -57.30
C SER E 146 -14.66 1.62 -57.52
N VAL E 147 -15.74 1.08 -56.95
CA VAL E 147 -16.08 -0.34 -57.07
C VAL E 147 -17.61 -0.47 -57.13
N PRO E 148 -18.16 -1.07 -58.19
CA PRO E 148 -19.60 -1.34 -58.23
C PRO E 148 -19.94 -2.71 -57.67
N VAL E 149 -21.02 -2.77 -56.90
CA VAL E 149 -21.41 -3.98 -56.18
C VAL E 149 -22.91 -4.21 -56.34
N THR E 150 -23.36 -5.37 -55.88
CA THR E 150 -24.75 -5.78 -55.86
C THR E 150 -25.08 -6.31 -54.48
N PRO E 151 -26.20 -5.91 -53.89
CA PRO E 151 -26.54 -6.36 -52.54
C PRO E 151 -26.65 -7.88 -52.46
N GLY E 152 -26.20 -8.44 -51.35
CA GLY E 152 -26.22 -9.87 -51.13
C GLY E 152 -24.95 -10.60 -51.50
N GLU E 153 -23.92 -9.90 -51.96
CA GLU E 153 -22.66 -10.50 -52.38
C GLU E 153 -21.57 -10.18 -51.36
N SER E 154 -20.36 -10.66 -51.64
CA SER E 154 -19.20 -10.46 -50.78
C SER E 154 -18.15 -9.67 -51.54
N VAL E 155 -17.55 -8.70 -50.85
CA VAL E 155 -16.54 -7.83 -51.45
C VAL E 155 -15.37 -7.68 -50.49
N SER E 156 -14.23 -7.29 -51.05
CA SER E 156 -13.01 -7.04 -50.28
C SER E 156 -12.39 -5.72 -50.72
N ILE E 157 -11.92 -4.95 -49.75
CA ILE E 157 -11.28 -3.67 -49.99
C ILE E 157 -9.81 -3.80 -49.60
N SER E 158 -8.92 -3.51 -50.54
CA SER E 158 -7.49 -3.72 -50.36
C SER E 158 -6.80 -2.42 -49.95
N CYS E 159 -5.67 -2.57 -49.27
CA CYS E 159 -4.90 -1.43 -48.79
C CYS E 159 -3.46 -1.86 -48.58
N ARG E 160 -2.58 -0.87 -48.48
CA ARG E 160 -1.16 -1.13 -48.25
C ARG E 160 -0.52 0.08 -47.61
N SER E 161 0.67 -0.13 -47.04
CA SER E 161 1.42 0.93 -46.38
C SER E 161 2.89 0.84 -46.77
N SER E 162 3.57 1.97 -46.68
CA SER E 162 5.00 2.02 -47.00
C SER E 162 5.82 1.23 -45.98
N LYS E 163 5.56 1.46 -44.69
CA LYS E 163 6.26 0.78 -43.62
C LYS E 163 5.38 -0.29 -43.00
N SER E 164 6.01 -1.22 -42.29
CA SER E 164 5.28 -2.26 -41.58
C SER E 164 4.63 -1.67 -40.33
N LEU E 165 3.33 -1.87 -40.19
CA LEU E 165 2.57 -1.33 -39.07
C LEU E 165 2.59 -2.26 -37.86
N LEU E 166 3.25 -3.41 -37.95
CA LEU E 166 3.31 -4.35 -36.84
C LEU E 166 4.41 -3.94 -35.88
N HIS E 167 4.07 -3.82 -34.61
CA HIS E 167 4.99 -3.35 -33.58
C HIS E 167 5.58 -4.52 -32.81
N SER E 168 6.60 -4.21 -32.00
CA SER E 168 7.28 -5.24 -31.23
C SER E 168 6.36 -5.89 -30.20
N ASN E 169 5.36 -5.16 -29.71
CA ASN E 169 4.44 -5.68 -28.70
C ASN E 169 3.28 -6.47 -29.29
N GLY E 170 3.35 -6.81 -30.59
CA GLY E 170 2.33 -7.62 -31.21
C GLY E 170 1.10 -6.87 -31.70
N ASN E 171 1.08 -5.55 -31.56
CA ASN E 171 -0.07 -4.75 -31.98
C ASN E 171 0.16 -4.20 -33.39
N THR E 172 -0.80 -4.42 -34.27
CA THR E 172 -0.80 -3.83 -35.61
C THR E 172 -1.78 -2.66 -35.62
N TYR E 173 -1.27 -1.46 -35.88
CA TYR E 173 -2.07 -0.23 -35.76
C TYR E 173 -2.59 0.17 -37.14
N LEU E 174 -3.69 -0.45 -37.53
CA LEU E 174 -4.43 -0.07 -38.73
C LEU E 174 -5.91 0.02 -38.37
N TYR E 175 -6.55 1.09 -38.80
CA TYR E 175 -7.95 1.35 -38.48
C TYR E 175 -8.74 1.46 -39.78
N TRP E 176 -10.04 1.17 -39.70
CA TRP E 176 -10.94 1.26 -40.85
C TRP E 176 -12.11 2.16 -40.50
N PHE E 177 -12.47 3.04 -41.43
CA PHE E 177 -13.55 4.00 -41.23
C PHE E 177 -14.52 3.93 -42.40
N LEU E 178 -15.77 4.28 -42.13
CA LEU E 178 -16.82 4.29 -43.14
C LEU E 178 -17.53 5.64 -43.10
N GLN E 179 -17.57 6.31 -44.25
CA GLN E 179 -18.26 7.59 -44.38
C GLN E 179 -19.44 7.40 -45.33
N ARG E 180 -20.65 7.32 -44.76
CA ARG E 180 -21.86 7.24 -45.56
C ARG E 180 -22.14 8.60 -46.19
N PRO E 181 -22.89 8.62 -47.31
CA PRO E 181 -23.20 9.88 -47.98
C PRO E 181 -23.82 10.92 -47.05
N GLY E 182 -23.12 12.03 -46.86
CA GLY E 182 -23.58 13.08 -45.96
C GLY E 182 -23.60 12.69 -44.51
N GLN E 183 -22.64 11.88 -44.07
CA GLN E 183 -22.57 11.43 -42.68
C GLN E 183 -21.13 11.51 -42.20
N SER E 184 -20.98 11.65 -40.89
CA SER E 184 -19.66 11.65 -40.28
C SER E 184 -19.06 10.25 -40.33
N PRO E 185 -17.73 10.14 -40.42
CA PRO E 185 -17.09 8.82 -40.44
C PRO E 185 -17.35 8.06 -39.15
N GLN E 186 -17.43 6.73 -39.28
CA GLN E 186 -17.64 5.85 -38.14
C GLN E 186 -16.59 4.75 -38.17
N LEU E 187 -16.24 4.27 -36.98
CA LEU E 187 -15.20 3.26 -36.85
C LEU E 187 -15.78 1.87 -37.07
N LEU E 188 -15.08 1.05 -37.84
CA LEU E 188 -15.47 -0.32 -38.09
C LEU E 188 -14.51 -1.32 -37.45
N ILE E 189 -13.22 -1.23 -37.78
CA ILE E 189 -12.21 -2.14 -37.26
C ILE E 189 -11.06 -1.32 -36.70
N TYR E 190 -10.68 -1.59 -35.45
CA TYR E 190 -9.53 -0.93 -34.84
C TYR E 190 -8.45 -1.98 -34.56
N ARG E 191 -7.20 -1.60 -34.82
CA ARG E 191 -6.05 -2.48 -34.68
C ARG E 191 -6.15 -3.72 -35.60
N MET E 192 -6.81 -3.54 -36.75
CA MET E 192 -6.72 -4.44 -37.89
C MET E 192 -7.42 -5.78 -37.67
N SER E 193 -7.83 -6.07 -36.44
CA SER E 193 -8.52 -7.34 -36.16
C SER E 193 -9.74 -7.22 -35.26
N ASN E 194 -9.93 -6.11 -34.55
CA ASN E 194 -10.99 -6.00 -33.56
C ASN E 194 -12.17 -5.22 -34.13
N LEU E 195 -13.38 -5.68 -33.82
CA LEU E 195 -14.61 -5.10 -34.35
C LEU E 195 -15.17 -4.12 -33.33
N ALA E 196 -15.49 -2.91 -33.79
CA ALA E 196 -16.00 -1.88 -32.90
C ALA E 196 -17.40 -2.24 -32.41
N SER E 197 -17.75 -1.70 -31.23
CA SER E 197 -19.05 -1.97 -30.63
C SER E 197 -20.15 -1.32 -31.46
N GLY E 198 -21.20 -2.08 -31.74
CA GLY E 198 -22.32 -1.59 -32.52
C GLY E 198 -22.23 -1.85 -34.01
N VAL E 199 -21.21 -2.59 -34.45
CA VAL E 199 -21.02 -2.88 -35.87
C VAL E 199 -21.40 -4.33 -36.13
N PRO E 200 -22.12 -4.62 -37.22
CA PRO E 200 -22.50 -6.01 -37.50
C PRO E 200 -21.30 -6.89 -37.77
N ASP E 201 -21.48 -8.19 -37.52
CA ASP E 201 -20.39 -9.16 -37.62
C ASP E 201 -19.93 -9.41 -39.04
N ARG E 202 -20.64 -8.92 -40.05
CA ARG E 202 -20.25 -9.16 -41.43
C ARG E 202 -18.94 -8.48 -41.81
N PHE E 203 -18.47 -7.53 -41.01
CA PHE E 203 -17.22 -6.84 -41.28
C PHE E 203 -16.06 -7.57 -40.61
N SER E 204 -15.01 -7.85 -41.39
CA SER E 204 -13.83 -8.54 -40.88
C SER E 204 -12.58 -7.93 -41.52
N GLY E 205 -11.45 -8.06 -40.82
CA GLY E 205 -10.20 -7.54 -41.30
C GLY E 205 -9.11 -8.60 -41.25
N SER E 206 -8.07 -8.37 -42.05
CA SER E 206 -6.96 -9.32 -42.16
C SER E 206 -5.69 -8.54 -42.48
N GLY E 207 -4.66 -9.28 -42.89
CA GLY E 207 -3.36 -8.71 -43.18
C GLY E 207 -2.32 -9.17 -42.18
N SER E 208 -1.05 -9.05 -42.59
CA SER E 208 0.06 -9.48 -41.76
C SER E 208 0.93 -8.34 -41.27
N GLY E 209 1.60 -7.62 -42.16
CA GLY E 209 2.27 -6.40 -41.75
C GLY E 209 2.30 -5.25 -42.73
N THR E 210 1.93 -5.51 -43.98
CA THR E 210 2.00 -4.46 -44.99
C THR E 210 0.74 -4.35 -45.83
N ALA E 211 0.14 -5.47 -46.19
CA ALA E 211 -1.07 -5.49 -47.02
C ALA E 211 -2.25 -5.88 -46.15
N PHE E 212 -3.30 -5.06 -46.19
CA PHE E 212 -4.46 -5.24 -45.34
C PHE E 212 -5.72 -5.25 -46.20
N THR E 213 -6.72 -5.99 -45.73
CA THR E 213 -7.97 -6.14 -46.47
C THR E 213 -9.13 -6.19 -45.50
N LEU E 214 -10.20 -5.46 -45.83
CA LEU E 214 -11.45 -5.50 -45.08
C LEU E 214 -12.47 -6.27 -45.90
N THR E 215 -13.11 -7.25 -45.27
CA THR E 215 -14.01 -8.17 -45.97
C THR E 215 -15.42 -7.99 -45.44
N ILE E 216 -16.38 -7.88 -46.36
CA ILE E 216 -17.80 -7.82 -46.04
C ILE E 216 -18.45 -9.09 -46.56
N SER E 217 -19.12 -9.83 -45.68
CA SER E 217 -19.70 -11.11 -46.07
C SER E 217 -20.96 -10.91 -46.92
N ARG E 218 -21.97 -10.25 -46.36
CA ARG E 218 -23.21 -9.96 -47.07
C ARG E 218 -23.41 -8.46 -47.14
N LEU E 219 -23.62 -7.94 -48.35
CA LEU E 219 -23.79 -6.51 -48.54
C LEU E 219 -25.22 -6.10 -48.20
N GLU E 220 -25.39 -4.79 -47.98
CA GLU E 220 -26.70 -4.23 -47.68
C GLU E 220 -26.85 -2.87 -48.34
N ALA E 221 -27.98 -2.21 -48.09
CA ALA E 221 -28.23 -0.89 -48.67
C ALA E 221 -27.49 0.22 -47.93
N GLU E 222 -27.11 -0.01 -46.68
CA GLU E 222 -26.43 0.99 -45.87
C GLU E 222 -24.91 0.87 -45.93
N ASP E 223 -24.37 -0.07 -46.70
CA ASP E 223 -22.93 -0.22 -46.85
C ASP E 223 -22.35 0.72 -47.89
N VAL E 224 -23.18 1.48 -48.60
CA VAL E 224 -22.68 2.42 -49.58
C VAL E 224 -21.98 3.58 -48.87
N GLY E 225 -20.99 4.15 -49.53
CA GLY E 225 -20.22 5.23 -48.97
C GLY E 225 -18.76 5.10 -49.35
N VAL E 226 -17.90 5.75 -48.58
CA VAL E 226 -16.46 5.75 -48.81
C VAL E 226 -15.77 5.13 -47.62
N TYR E 227 -14.89 4.16 -47.87
CA TYR E 227 -14.13 3.48 -46.84
C TYR E 227 -12.72 4.08 -46.79
N TYR E 228 -12.36 4.64 -45.63
CA TYR E 228 -11.02 5.15 -45.39
C TYR E 228 -10.29 4.22 -44.43
N CYS E 229 -9.02 4.52 -44.20
CA CYS E 229 -8.21 3.74 -43.27
C CYS E 229 -7.08 4.62 -42.78
N MET E 230 -6.46 4.19 -41.67
CA MET E 230 -5.54 5.06 -40.94
C MET E 230 -4.49 4.22 -40.24
N GLN E 231 -3.37 4.84 -39.92
CA GLN E 231 -2.31 4.23 -39.13
C GLN E 231 -2.11 5.03 -37.85
N HIS E 232 -1.73 4.32 -36.78
CA HIS E 232 -1.49 4.95 -35.48
C HIS E 232 -0.12 4.58 -34.92
N LEU E 233 0.83 4.19 -35.79
CA LEU E 233 2.15 3.79 -35.33
C LEU E 233 3.02 5.00 -35.01
N GLU E 234 3.04 6.00 -35.89
CA GLU E 234 3.75 7.25 -35.65
C GLU E 234 2.77 8.40 -35.78
N TYR E 235 2.87 9.35 -34.86
CA TYR E 235 1.77 10.27 -34.61
C TYR E 235 1.47 11.21 -35.77
N PRO E 236 2.41 11.51 -36.68
CA PRO E 236 1.98 12.18 -37.92
C PRO E 236 1.05 11.27 -38.72
N LEU E 237 -0.19 11.17 -38.25
CA LEU E 237 -1.13 10.20 -38.78
C LEU E 237 -1.51 10.52 -40.22
N THR E 238 -1.62 9.48 -41.04
CA THR E 238 -1.95 9.61 -42.45
C THR E 238 -3.12 8.70 -42.78
N PHE E 239 -4.01 9.19 -43.65
CA PHE E 239 -5.15 8.42 -44.12
C PHE E 239 -4.94 8.02 -45.57
N GLY E 240 -5.39 6.82 -45.91
CA GLY E 240 -5.38 6.39 -47.29
C GLY E 240 -6.44 7.09 -48.10
N ALA E 241 -6.32 6.96 -49.42
CA ALA E 241 -7.30 7.55 -50.31
C ALA E 241 -8.64 6.82 -50.16
N GLY E 242 -9.70 7.50 -50.60
CA GLY E 242 -11.02 6.95 -50.43
C GLY E 242 -11.29 5.76 -51.33
N THR E 243 -12.29 4.98 -50.95
CA THR E 243 -12.75 3.84 -51.73
C THR E 243 -14.27 3.87 -51.74
N LYS E 244 -14.84 4.22 -52.89
CA LYS E 244 -16.29 4.40 -53.00
C LYS E 244 -16.95 3.09 -53.41
N LEU E 245 -18.03 2.73 -52.71
CA LEU E 245 -18.83 1.56 -53.03
C LEU E 245 -20.00 2.06 -53.88
N GLU E 246 -19.82 1.96 -55.21
CA GLU E 246 -20.79 2.56 -56.13
C GLU E 246 -22.16 1.92 -56.03
N LEU E 247 -22.21 0.59 -55.91
CA LEU E 247 -23.47 -0.15 -55.88
C LEU E 247 -24.32 0.15 -57.12
#